data_1YV3
#
_entry.id   1YV3
#
_cell.length_a   88.106
_cell.length_b   145.770
_cell.length_c   152.912
_cell.angle_alpha   90.00
_cell.angle_beta   90.00
_cell.angle_gamma   90.00
#
_symmetry.space_group_name_H-M   'C 2 2 21'
#
loop_
_entity.id
_entity.type
_entity.pdbx_description
1 polymer 'Myosin II heavy chain'
2 non-polymer 'MAGNESIUM ION'
3 non-polymer 'VANADATE ION'
4 non-polymer "ADENOSINE-5'-DIPHOSPHATE"
5 non-polymer (-)-1-PHENYL-1,2,3,4-TETRAHYDRO-4-HYDROXYPYRROLO[2,3-B]-7-METHYLQUINOLIN-4-ONE
6 non-polymer 1,2-ETHANEDIOL
7 water water
#
_entity_poly.entity_id   1
_entity_poly.type   'polypeptide(L)'
_entity_poly.pdbx_seq_one_letter_code
;GNPIHDRTSDYHKYLKVKQGDSDLFKLTVSDKRYIWYNPDPKERDSYECGEIVSETSDSFTFKTVDGQDRQVKKDDANQR
NPIKFDGVEDMSELSYLNEPAVFHNLRVRYNQDLIYTYSGLFLVAVNPFKRIPIYTQEMVDIFKGRRRNEVAPHIFAISD
VAYRSMLDDRQNQSLLITGESGAGKTENTKKVIQYLASVAGRNQANGSGVLEQQILQANPILEAFGNAKTTRNNNSSRFG
KFIEIQFNSAGFISGASIQSYLLEKSRVVFQSETERNYHIFYQLLAGATAEEKKALHLAGPESFNYLNQSGCVDIKGVSD
SEEFKITRQAMDIVGFSQEEQMSIFKIIAGILHLGNIKFEKGAGEGAVLKDKTALNAASTVFGVNPSVLEKALMEPRILA
GRDLVAQHLNVEKSSSSRDALVKALYGRLFLWLVKKINNVLCQERKAYFIGVLDISGFEIFKVNSFEQLCINYTNEKLQQ
FFNHHMFKLEQEEYLKEKINWTFIDFGLDSQATIDLIDGRQPPGILALLDEQSVFPNATDNTLITKLHSHFSKKNAKYEE
PRFSKTEFGVTHYAGQVMYEIQDWLEKNKDPLQQDLELCFKDSSDNVVTKLFNDPNIASRAKKGANFITVAAQYKEQLAS
LMATLETTNPHFVRCIIPNNKQLPAKLEDKVVLDQLRCNGVLEGIRITRKGFPNRIIYADFVKRYYLLAPNVPRDAEDSQ
KATDAVLKHLNIDPEQYRFGITKIFFRAGQLARIEEARELPN
;
_entity_poly.pdbx_strand_id   A
#
loop_
_chem_comp.id
_chem_comp.type
_chem_comp.name
_chem_comp.formula
ADP non-polymer ADENOSINE-5'-DIPHOSPHATE 'C10 H15 N5 O10 P2'
BIT non-polymer (-)-1-PHENYL-1,2,3,4-TETRAHYDRO-4-HYDROXYPYRROLO[2,3-B]-7-METHYLQUINOLIN-4-ONE 'C18 H16 N2 O2'
EDO non-polymer 1,2-ETHANEDIOL 'C2 H6 O2'
MG non-polymer 'MAGNESIUM ION' 'Mg 2'
VO4 non-polymer 'VANADATE ION' 'O4 V -3'
#
# COMPACT_ATOMS: atom_id res chain seq x y z
N ASN A 2 21.41 26.01 -19.20
CA ASN A 2 21.02 25.26 -17.96
C ASN A 2 19.53 25.45 -17.72
N PRO A 3 18.71 24.42 -17.95
CA PRO A 3 17.24 24.55 -17.79
C PRO A 3 16.78 24.99 -16.39
N ILE A 4 17.60 24.74 -15.37
CA ILE A 4 17.30 25.17 -13.99
C ILE A 4 17.19 26.72 -13.85
N HIS A 5 18.00 27.43 -14.64
CA HIS A 5 18.06 28.91 -14.57
C HIS A 5 17.36 29.58 -15.73
N ASP A 6 16.77 28.79 -16.61
CA ASP A 6 16.11 29.28 -17.82
C ASP A 6 14.61 29.21 -17.65
N ARG A 7 13.95 30.37 -17.63
CA ARG A 7 12.54 30.47 -17.23
C ARG A 7 11.58 30.04 -18.30
N THR A 8 12.08 29.86 -19.51
CA THR A 8 11.33 29.26 -20.61
C THR A 8 11.35 27.69 -20.64
N SER A 9 12.19 27.07 -19.82
CA SER A 9 12.36 25.60 -19.88
C SER A 9 11.10 24.86 -19.38
N ASP A 10 10.94 23.61 -19.80
CA ASP A 10 9.87 22.77 -19.24
C ASP A 10 10.01 22.62 -17.72
N TYR A 11 11.23 22.55 -17.23
CA TYR A 11 11.49 22.45 -15.81
C TYR A 11 10.84 23.58 -15.07
N HIS A 12 11.09 24.82 -15.52
CA HIS A 12 10.49 25.97 -14.88
C HIS A 12 8.99 25.98 -15.02
N LYS A 13 8.51 25.61 -16.19
CA LYS A 13 7.08 25.66 -16.44
C LYS A 13 6.30 24.65 -15.54
N TYR A 14 6.88 23.45 -15.33
CA TYR A 14 6.13 22.37 -14.67
C TYR A 14 6.54 22.04 -13.26
N LEU A 15 7.70 22.55 -12.82
CA LEU A 15 8.21 22.29 -11.47
C LEU A 15 8.38 23.51 -10.54
N LYS A 16 8.28 24.73 -11.09
CA LYS A 16 8.51 25.98 -10.35
C LYS A 16 7.29 26.85 -10.28
N VAL A 17 7.19 27.65 -9.23
CA VAL A 17 6.05 28.50 -9.02
C VAL A 17 6.13 29.62 -10.09
N LYS A 18 5.02 29.90 -10.71
CA LYS A 18 4.89 30.92 -11.75
C LYS A 18 5.18 32.32 -11.15
N GLN A 19 5.82 33.18 -11.96
CA GLN A 19 6.11 34.57 -11.54
C GLN A 19 4.83 35.33 -11.20
N GLY A 20 4.75 35.95 -10.03
CA GLY A 20 3.59 36.73 -9.69
C GLY A 20 3.60 38.07 -10.44
N ASP A 21 2.44 38.71 -10.56
CA ASP A 21 2.34 39.99 -11.30
C ASP A 21 2.35 41.16 -10.38
N SER A 22 2.28 42.37 -10.95
CA SER A 22 2.41 43.59 -10.18
C SER A 22 1.32 43.75 -9.12
N ASP A 23 0.13 43.30 -9.42
CA ASP A 23 -0.97 43.29 -8.43
C ASP A 23 -0.64 42.37 -7.26
N LEU A 24 -0.09 41.20 -7.59
CA LEU A 24 0.43 40.32 -6.49
C LEU A 24 1.56 40.97 -5.69
N PHE A 25 2.50 41.70 -6.34
CA PHE A 25 3.57 42.39 -5.58
C PHE A 25 3.05 43.38 -4.63
N LYS A 26 2.04 44.14 -5.07
CA LYS A 26 1.42 45.12 -4.18
C LYS A 26 0.88 44.42 -2.99
N LEU A 27 0.19 43.32 -3.23
CA LEU A 27 -0.39 42.56 -2.08
C LEU A 27 0.73 42.01 -1.21
N THR A 28 1.85 41.63 -1.84
CA THR A 28 2.97 40.96 -1.13
C THR A 28 3.71 41.92 -0.17
N VAL A 29 3.69 43.23 -0.47
CA VAL A 29 4.37 44.25 0.36
C VAL A 29 3.40 45.02 1.33
N SER A 30 2.10 44.72 1.23
CA SER A 30 1.12 45.14 2.24
C SER A 30 1.60 44.97 3.68
N ASP A 31 1.23 45.98 4.47
CA ASP A 31 1.32 45.93 5.92
C ASP A 31 0.17 45.13 6.59
N LYS A 32 -0.89 44.79 5.87
CA LYS A 32 -1.99 44.04 6.50
C LYS A 32 -1.56 42.65 7.01
N ARG A 33 -2.25 42.17 8.03
CA ARG A 33 -2.00 40.87 8.62
C ARG A 33 -3.29 40.09 8.62
N TYR A 34 -3.15 38.76 8.50
CA TYR A 34 -4.28 37.84 8.33
C TYR A 34 -4.25 36.60 9.25
N ILE A 35 -5.43 36.04 9.45
CA ILE A 35 -5.65 34.86 10.29
C ILE A 35 -6.52 33.87 9.52
N TRP A 36 -6.25 32.59 9.76
CA TRP A 36 -7.10 31.54 9.25
C TRP A 36 -8.10 31.22 10.35
N TYR A 37 -9.38 31.28 10.01
CA TYR A 37 -10.45 31.00 10.97
C TYR A 37 -11.53 30.06 10.37
N ASN A 38 -12.29 29.42 11.25
CA ASN A 38 -13.46 28.57 10.89
C ASN A 38 -14.76 29.37 10.89
N PRO A 39 -15.39 29.62 9.74
CA PRO A 39 -16.72 30.24 9.70
C PRO A 39 -17.72 29.48 10.61
N ASP A 40 -17.64 28.16 10.61
CA ASP A 40 -18.46 27.33 11.48
C ASP A 40 -17.56 26.57 12.45
N PRO A 41 -17.62 26.87 13.75
CA PRO A 41 -16.75 26.18 14.74
C PRO A 41 -16.95 24.67 14.91
N LYS A 42 -18.01 24.10 14.34
CA LYS A 42 -18.17 22.65 14.37
C LYS A 42 -17.43 22.00 13.19
N GLU A 43 -16.99 22.82 12.22
CA GLU A 43 -16.24 22.33 11.04
C GLU A 43 -14.84 22.92 11.13
N ARG A 44 -14.00 22.29 11.92
CA ARG A 44 -12.70 22.83 12.28
C ARG A 44 -11.66 22.82 11.12
N ASP A 45 -11.99 22.07 10.05
CA ASP A 45 -11.14 21.97 8.89
C ASP A 45 -11.56 22.84 7.71
N SER A 46 -12.61 23.63 7.87
CA SER A 46 -13.02 24.49 6.79
C SER A 46 -12.67 25.92 7.28
N TYR A 47 -11.68 26.51 6.62
CA TYR A 47 -11.09 27.77 7.02
C TYR A 47 -11.34 28.79 5.98
N GLU A 48 -11.46 30.05 6.41
CA GLU A 48 -11.35 31.17 5.53
C GLU A 48 -10.31 32.15 6.10
N CYS A 49 -9.94 33.12 5.28
CA CYS A 49 -8.95 34.11 5.65
C CYS A 49 -9.65 35.40 6.13
N GLY A 50 -9.26 35.89 7.30
CA GLY A 50 -9.78 37.16 7.83
C GLY A 50 -8.68 38.17 8.11
N GLU A 51 -8.90 39.45 7.82
CA GLU A 51 -7.93 40.47 8.17
C GLU A 51 -7.90 40.80 9.66
N ILE A 52 -6.73 40.74 10.28
CA ILE A 52 -6.59 41.22 11.62
C ILE A 52 -6.72 42.75 11.61
N VAL A 53 -7.72 43.27 12.31
CA VAL A 53 -7.92 44.73 12.32
C VAL A 53 -7.54 45.40 13.62
N SER A 54 -7.44 44.64 14.72
CA SER A 54 -6.91 45.18 15.96
C SER A 54 -6.38 44.06 16.87
N GLU A 55 -5.63 44.44 17.90
CA GLU A 55 -5.17 43.50 18.91
C GLU A 55 -5.11 44.13 20.30
N THR A 56 -5.26 43.29 21.32
CA THR A 56 -4.89 43.60 22.72
C THR A 56 -3.65 42.81 23.00
N SER A 57 -3.16 42.83 24.22
CA SER A 57 -2.02 41.98 24.62
C SER A 57 -2.29 40.46 24.51
N ASP A 58 -3.54 40.05 24.55
CA ASP A 58 -3.86 38.61 24.51
C ASP A 58 -4.86 38.14 23.44
N SER A 59 -5.30 39.06 22.57
CA SER A 59 -6.32 38.75 21.59
C SER A 59 -6.09 39.46 20.25
N PHE A 60 -6.73 38.93 19.21
CA PHE A 60 -6.82 39.56 17.93
C PHE A 60 -8.30 39.74 17.65
N THR A 61 -8.63 40.81 16.97
CA THR A 61 -9.91 40.99 16.38
C THR A 61 -9.71 41.02 14.91
N PHE A 62 -10.55 40.27 14.22
CA PHE A 62 -10.49 40.15 12.77
C PHE A 62 -11.87 40.22 12.07
N LYS A 63 -11.83 40.60 10.80
CA LYS A 63 -13.00 40.69 9.94
C LYS A 63 -13.21 39.31 9.37
N THR A 64 -14.46 38.87 9.31
CA THR A 64 -14.85 37.67 8.58
C THR A 64 -15.13 38.01 7.11
N VAL A 65 -15.28 36.97 6.28
CA VAL A 65 -15.56 37.10 4.83
C VAL A 65 -16.88 37.84 4.61
N ASP A 66 -17.87 37.55 5.45
CA ASP A 66 -19.12 38.29 5.46
C ASP A 66 -19.01 39.61 6.25
N GLN A 68 -18.67 40.68 9.49
CA GLN A 68 -18.81 40.67 10.95
C GLN A 68 -17.45 40.51 11.65
N ASP A 69 -17.23 41.19 12.77
CA ASP A 69 -15.94 41.11 13.44
C ASP A 69 -16.02 40.00 14.47
N ARG A 70 -14.86 39.38 14.76
CA ARG A 70 -14.70 38.34 15.76
C ARG A 70 -13.40 38.52 16.52
N GLN A 71 -13.28 37.84 17.63
CA GLN A 71 -12.13 37.98 18.50
C GLN A 71 -11.68 36.58 18.88
N VAL A 72 -10.36 36.40 18.94
CA VAL A 72 -9.76 35.13 19.31
C VAL A 72 -8.51 35.38 20.16
N LYS A 73 -8.25 34.47 21.08
CA LYS A 73 -7.06 34.53 21.92
C LYS A 73 -5.88 34.30 21.03
N LYS A 74 -4.80 35.01 21.31
CA LYS A 74 -3.59 34.89 20.50
C LYS A 74 -3.06 33.47 20.60
N ASP A 75 -3.26 32.84 21.74
CA ASP A 75 -2.79 31.46 21.93
C ASP A 75 -3.58 30.45 21.06
N ASP A 76 -4.79 30.80 20.65
CA ASP A 76 -5.61 29.95 19.80
C ASP A 76 -5.57 30.33 18.32
N ALA A 77 -4.77 31.36 17.97
CA ALA A 77 -4.84 31.92 16.65
C ALA A 77 -4.00 31.10 15.70
N ASN A 78 -4.55 30.82 14.53
CA ASN A 78 -3.77 30.31 13.40
C ASN A 78 -3.47 31.46 12.45
N GLN A 79 -2.35 32.15 12.65
CA GLN A 79 -2.03 33.30 11.77
C GLN A 79 -1.69 32.84 10.35
N ARG A 80 -2.00 33.66 9.35
CA ARG A 80 -1.67 33.39 7.99
C ARG A 80 -0.24 33.87 7.76
N ASN A 81 0.56 33.07 7.09
CA ASN A 81 1.91 33.51 6.76
C ASN A 81 1.86 34.66 5.80
N PRO A 82 2.85 35.53 5.89
CA PRO A 82 3.02 36.55 4.84
C PRO A 82 2.96 35.89 3.49
N ILE A 83 2.34 36.51 2.49
CA ILE A 83 2.07 35.78 1.26
C ILE A 83 3.28 35.50 0.42
N LYS A 84 4.42 36.11 0.75
CA LYS A 84 5.68 35.78 0.10
C LYS A 84 6.04 34.29 0.30
N PHE A 85 5.46 33.69 1.34
CA PHE A 85 5.71 32.26 1.60
C PHE A 85 4.81 31.31 0.82
N ASP A 86 3.80 31.83 0.16
CA ASP A 86 2.84 31.01 -0.59
C ASP A 86 3.52 30.35 -1.78
N GLY A 87 3.56 29.01 -1.73
CA GLY A 87 4.23 28.25 -2.79
C GLY A 87 5.62 27.82 -2.42
N VAL A 88 6.07 28.11 -1.20
CA VAL A 88 7.41 27.75 -0.78
C VAL A 88 7.71 26.23 -0.96
N GLU A 89 8.91 25.91 -1.41
CA GLU A 89 9.28 24.52 -1.69
C GLU A 89 9.53 23.63 -0.45
N ASP A 90 9.94 24.25 0.67
CA ASP A 90 10.25 23.57 1.92
C ASP A 90 9.50 24.34 3.02
N MET A 91 8.49 23.68 3.59
CA MET A 91 7.62 24.27 4.56
C MET A 91 8.26 24.49 5.91
N SER A 92 9.45 23.95 6.12
CA SER A 92 10.15 24.27 7.34
C SER A 92 10.55 25.76 7.38
N GLU A 93 10.44 26.45 6.26
CA GLU A 93 10.71 27.86 6.16
C GLU A 93 9.54 28.76 6.59
N LEU A 94 8.33 28.21 6.77
CA LEU A 94 7.19 29.05 7.11
C LEU A 94 7.41 29.79 8.44
N SER A 95 7.00 31.05 8.57
CA SER A 95 7.02 31.66 9.92
C SER A 95 6.03 31.04 10.87
N TYR A 96 4.83 30.78 10.38
CA TYR A 96 3.77 30.26 11.20
C TYR A 96 3.51 28.83 10.74
N LEU A 97 3.72 27.90 11.65
CA LEU A 97 3.55 26.48 11.40
C LEU A 97 2.25 26.08 12.09
N ASN A 98 1.18 26.04 11.31
CA ASN A 98 -0.09 25.55 11.81
C ASN A 98 -0.84 24.84 10.67
N GLU A 99 -1.94 24.17 11.02
CA GLU A 99 -2.65 23.31 10.08
C GLU A 99 -3.15 24.03 8.85
N PRO A 100 -3.95 25.10 8.98
CA PRO A 100 -4.42 25.79 7.81
C PRO A 100 -3.26 26.39 6.98
N ALA A 101 -2.21 26.82 7.62
CA ALA A 101 -1.07 27.42 6.86
C ALA A 101 -0.34 26.31 6.05
N VAL A 102 -0.16 25.12 6.65
CA VAL A 102 0.51 24.07 5.90
C VAL A 102 -0.40 23.69 4.76
N PHE A 103 -1.71 23.53 5.02
CA PHE A 103 -2.60 23.13 3.95
C PHE A 103 -2.60 24.19 2.86
N HIS A 104 -2.58 25.45 3.26
CA HIS A 104 -2.66 26.48 2.26
C HIS A 104 -1.46 26.43 1.32
N ASN A 105 -0.28 26.16 1.87
CA ASN A 105 0.89 26.11 1.05
C ASN A 105 0.80 24.96 0.06
N LEU A 106 0.30 23.81 0.53
CA LEU A 106 0.11 22.69 -0.39
C LEU A 106 -0.91 23.05 -1.44
N ARG A 107 -1.93 23.81 -1.06
CA ARG A 107 -2.99 24.15 -1.94
C ARG A 107 -2.48 25.08 -3.07
N VAL A 108 -1.64 26.05 -2.70
CA VAL A 108 -1.09 26.99 -3.69
C VAL A 108 -0.28 26.24 -4.66
N ARG A 109 0.52 25.29 -4.18
CA ARG A 109 1.35 24.51 -5.12
C ARG A 109 0.46 23.60 -6.04
N TYR A 110 -0.52 22.94 -5.44
CA TYR A 110 -1.36 21.98 -6.13
C TYR A 110 -2.20 22.63 -7.23
N ASN A 111 -2.71 23.83 -6.94
CA ASN A 111 -3.40 24.68 -7.93
C ASN A 111 -2.59 25.03 -9.15
N GLN A 112 -1.25 24.95 -9.02
CA GLN A 112 -0.34 25.10 -10.14
C GLN A 112 0.27 23.80 -10.58
N ASP A 113 -0.32 22.66 -10.21
CA ASP A 113 0.18 21.35 -10.57
C ASP A 113 1.58 21.04 -10.04
N LEU A 114 1.94 21.66 -8.92
CA LEU A 114 3.20 21.37 -8.27
C LEU A 114 2.79 20.37 -7.13
N ILE A 115 2.97 19.09 -7.38
CA ILE A 115 2.46 18.05 -6.46
C ILE A 115 3.45 17.70 -5.40
N TYR A 116 4.71 18.10 -5.58
CA TYR A 116 5.75 17.78 -4.67
C TYR A 116 6.17 18.98 -3.83
N THR A 117 6.27 18.79 -2.53
CA THR A 117 6.67 19.83 -1.58
C THR A 117 7.49 19.17 -0.46
N TYR A 118 8.60 19.80 -0.05
CA TYR A 118 9.31 19.35 1.13
C TYR A 118 8.68 19.80 2.39
N SER A 119 8.82 18.96 3.39
CA SER A 119 8.30 19.31 4.70
C SER A 119 9.38 18.96 5.67
N GLY A 120 10.44 19.79 5.65
CA GLY A 120 11.70 19.46 6.30
C GLY A 120 12.45 18.39 5.57
N LEU A 121 12.69 17.31 6.28
CA LEU A 121 13.55 16.27 5.78
C LEU A 121 12.85 15.30 4.82
N PHE A 122 11.54 15.34 4.73
CA PHE A 122 10.80 14.39 3.90
C PHE A 122 9.95 15.10 2.88
N LEU A 123 9.55 14.34 1.87
CA LEU A 123 8.76 14.80 0.72
C LEU A 123 7.25 14.50 0.91
N VAL A 124 6.41 15.48 0.61
CA VAL A 124 4.97 15.29 0.52
C VAL A 124 4.63 15.30 -0.95
N ALA A 125 3.76 14.39 -1.37
CA ALA A 125 3.33 14.19 -2.76
C ALA A 125 1.81 14.14 -2.76
N VAL A 126 1.14 15.11 -3.38
CA VAL A 126 -0.33 15.15 -3.41
C VAL A 126 -0.76 14.66 -4.74
N ASN A 127 -1.58 13.61 -4.76
CA ASN A 127 -1.95 12.97 -6.02
C ASN A 127 -2.70 13.94 -6.96
N PRO A 128 -2.21 14.14 -8.19
CA PRO A 128 -2.88 15.03 -9.15
C PRO A 128 -4.10 14.42 -9.81
N PHE A 129 -4.21 13.09 -9.78
CA PHE A 129 -5.22 12.42 -10.59
C PHE A 129 -5.32 12.93 -12.04
N LYS A 130 -4.17 13.22 -12.62
CA LYS A 130 -3.99 13.48 -14.05
C LYS A 130 -2.52 13.47 -14.38
N ARG A 131 -2.21 13.35 -15.66
CA ARG A 131 -0.83 13.27 -16.09
C ARG A 131 -0.20 14.64 -16.04
N ILE A 132 0.99 14.72 -15.52
CA ILE A 132 1.79 15.93 -15.51
C ILE A 132 3.19 15.56 -16.07
N PRO A 133 3.70 16.38 -16.99
CA PRO A 133 4.88 15.99 -17.78
C PRO A 133 6.19 16.26 -17.06
N ILE A 134 6.38 15.63 -15.89
CA ILE A 134 7.58 15.86 -15.10
C ILE A 134 8.44 14.62 -14.90
N TYR A 135 8.16 13.59 -15.68
CA TYR A 135 8.85 12.31 -15.58
C TYR A 135 9.54 11.87 -16.88
N THR A 136 9.86 12.84 -17.75
CA THR A 136 10.50 12.49 -19.03
C THR A 136 11.98 12.21 -18.78
N GLN A 137 12.69 11.76 -19.81
CA GLN A 137 14.15 11.54 -19.69
C GLN A 137 14.90 12.84 -19.46
N GLU A 138 14.35 13.91 -20.02
CA GLU A 138 14.95 15.22 -19.88
C GLU A 138 14.85 15.66 -18.41
N MET A 139 13.72 15.32 -17.75
CA MET A 139 13.56 15.66 -16.33
C MET A 139 14.53 14.82 -15.53
N VAL A 140 14.58 13.53 -15.85
CA VAL A 140 15.56 12.67 -15.25
C VAL A 140 17.00 13.29 -15.27
N ASP A 141 17.39 13.81 -16.43
CA ASP A 141 18.77 14.30 -16.65
C ASP A 141 19.06 15.56 -15.85
N ILE A 142 18.03 16.37 -15.60
CA ILE A 142 18.19 17.56 -14.78
C ILE A 142 18.49 17.26 -13.34
N PHE A 143 17.85 16.19 -12.84
CA PHE A 143 18.01 15.85 -11.46
C PHE A 143 19.29 15.11 -11.15
N LYS A 144 19.89 14.48 -12.13
CA LYS A 144 21.03 13.61 -11.90
C LYS A 144 22.15 14.38 -11.23
N GLY A 145 22.55 13.92 -10.06
CA GLY A 145 23.63 14.50 -9.32
C GLY A 145 23.36 15.74 -8.52
N ARG A 146 22.14 16.27 -8.56
CA ARG A 146 21.88 17.52 -7.86
C ARG A 146 21.50 17.31 -6.40
N ARG A 147 22.09 18.13 -5.56
CA ARG A 147 21.71 18.16 -4.17
C ARG A 147 20.28 18.64 -4.05
N ARG A 148 19.62 18.23 -2.97
CA ARG A 148 18.22 18.54 -2.78
C ARG A 148 17.81 20.06 -2.90
N ASN A 149 18.64 20.91 -2.30
CA ASN A 149 18.45 22.38 -2.29
C ASN A 149 18.80 23.09 -3.60
N GLU A 150 19.39 22.36 -4.53
CA GLU A 150 19.71 22.86 -5.87
C GLU A 150 18.60 22.78 -6.88
N VAL A 151 17.55 21.97 -6.64
CA VAL A 151 16.53 21.73 -7.63
C VAL A 151 15.18 21.69 -6.92
N ALA A 152 14.08 21.80 -7.69
CA ALA A 152 12.74 21.87 -7.14
C ALA A 152 12.35 20.50 -6.48
N PRO A 153 11.36 20.49 -5.61
CA PRO A 153 10.94 19.21 -5.02
C PRO A 153 10.48 18.23 -6.07
N HIS A 154 10.88 16.95 -5.93
CA HIS A 154 10.51 15.93 -6.88
C HIS A 154 10.89 14.56 -6.29
N ILE A 155 10.11 13.55 -6.63
CA ILE A 155 10.46 12.13 -6.30
C ILE A 155 11.87 11.74 -6.85
N PHE A 156 12.25 12.32 -7.97
CA PHE A 156 13.59 12.11 -8.56
C PHE A 156 14.69 12.64 -7.65
N ALA A 157 14.44 13.75 -6.94
CA ALA A 157 15.44 14.36 -6.08
C ALA A 157 15.72 13.53 -4.83
N ILE A 158 14.67 12.98 -4.25
CA ILE A 158 14.86 12.15 -3.07
C ILE A 158 15.53 10.84 -3.50
N SER A 159 15.17 10.33 -4.67
CA SER A 159 15.79 9.15 -5.24
C SER A 159 17.30 9.40 -5.42
N ASP A 160 17.66 10.58 -5.95
CA ASP A 160 19.10 10.89 -6.16
C ASP A 160 19.83 11.03 -4.83
N VAL A 161 19.17 11.65 -3.83
CA VAL A 161 19.78 11.82 -2.50
C VAL A 161 20.11 10.46 -1.92
N ALA A 162 19.16 9.51 -2.02
CA ALA A 162 19.37 8.18 -1.50
C ALA A 162 20.54 7.51 -2.21
N TYR A 163 20.62 7.72 -3.51
CA TYR A 163 21.62 7.08 -4.32
C TYR A 163 23.03 7.61 -3.92
N ARG A 164 23.13 8.91 -3.66
CA ARG A 164 24.42 9.53 -3.34
C ARG A 164 24.79 9.14 -1.95
N SER A 165 23.81 8.98 -1.06
CA SER A 165 24.08 8.53 0.26
C SER A 165 24.59 7.09 0.27
N MET A 166 24.01 6.24 -0.58
CA MET A 166 24.46 4.86 -0.71
C MET A 166 25.97 4.80 -1.13
N LEU A 167 26.35 5.59 -2.14
CA LEU A 167 27.77 5.66 -2.59
C LEU A 167 28.67 6.27 -1.52
N ASP A 168 28.33 7.46 -0.99
CA ASP A 168 29.20 8.18 -0.07
C ASP A 168 29.33 7.48 1.28
N ASP A 169 28.26 6.81 1.77
CA ASP A 169 28.30 6.20 3.11
C ASP A 169 28.47 4.68 3.09
N ARG A 170 28.49 4.10 1.90
CA ARG A 170 28.55 2.64 1.75
C ARG A 170 27.51 1.95 2.64
N GLN A 171 26.26 2.45 2.56
CA GLN A 171 25.17 2.01 3.43
C GLN A 171 23.90 1.81 2.58
N ASN A 172 23.20 0.74 2.86
CA ASN A 172 21.98 0.45 2.12
C ASN A 172 20.95 1.51 2.50
N GLN A 173 20.11 1.86 1.54
CA GLN A 173 19.06 2.82 1.75
C GLN A 173 17.65 2.23 1.53
N SER A 174 16.65 2.86 2.14
CA SER A 174 15.28 2.56 1.79
C SER A 174 14.46 3.84 1.55
N LEU A 175 13.48 3.68 0.65
CA LEU A 175 12.53 4.73 0.34
C LEU A 175 11.17 4.20 0.73
N LEU A 176 10.60 4.82 1.74
CA LEU A 176 9.36 4.36 2.35
C LEU A 176 8.26 5.33 1.93
N ILE A 177 7.34 4.86 1.10
CA ILE A 177 6.33 5.71 0.52
C ILE A 177 5.01 5.36 1.20
N THR A 178 4.53 6.26 2.06
CA THR A 178 3.30 6.08 2.75
C THR A 178 2.09 6.63 2.11
N GLY A 179 0.93 6.17 2.57
CA GLY A 179 -0.33 6.74 2.13
C GLY A 179 -1.53 5.86 2.25
N GLU A 180 -2.70 6.47 2.40
CA GLU A 180 -3.91 5.69 2.34
C GLU A 180 -4.15 5.14 0.92
N SER A 181 -5.10 4.23 0.78
CA SER A 181 -5.44 3.70 -0.55
C SER A 181 -5.74 4.80 -1.58
N GLY A 182 -5.08 4.72 -2.74
CA GLY A 182 -5.26 5.68 -3.82
C GLY A 182 -4.39 6.93 -3.78
N ALA A 183 -3.57 7.04 -2.75
CA ALA A 183 -2.81 8.26 -2.56
C ALA A 183 -1.66 8.51 -3.52
N GLY A 184 -1.12 7.44 -4.10
CA GLY A 184 -0.04 7.53 -5.06
C GLY A 184 1.24 6.78 -4.81
N LYS A 185 1.18 5.81 -3.90
CA LYS A 185 2.36 5.01 -3.56
C LYS A 185 2.95 4.25 -4.71
N THR A 186 2.12 3.56 -5.46
CA THR A 186 2.60 2.72 -6.56
C THR A 186 3.17 3.57 -7.71
N GLU A 187 2.52 4.65 -8.03
CA GLU A 187 2.99 5.49 -9.09
C GLU A 187 4.31 6.08 -8.71
N ASN A 188 4.47 6.55 -7.48
CA ASN A 188 5.76 7.09 -7.05
C ASN A 188 6.86 6.06 -6.99
N THR A 189 6.50 4.83 -6.57
CA THR A 189 7.43 3.73 -6.56
C THR A 189 8.05 3.48 -7.94
N LYS A 190 7.19 3.47 -8.94
CA LYS A 190 7.61 3.24 -10.28
C LYS A 190 8.53 4.39 -10.76
N LYS A 191 8.30 5.61 -10.29
CA LYS A 191 9.18 6.73 -10.66
C LYS A 191 10.53 6.62 -10.06
N VAL A 192 10.59 6.11 -8.83
CA VAL A 192 11.88 5.88 -8.18
C VAL A 192 12.69 4.85 -8.97
N ILE A 193 12.05 3.74 -9.35
CA ILE A 193 12.72 2.67 -10.06
C ILE A 193 13.19 3.15 -11.47
N GLN A 194 12.34 3.93 -12.12
CA GLN A 194 12.67 4.54 -13.40
C GLN A 194 13.94 5.40 -13.28
N TYR A 195 13.97 6.22 -12.26
CA TYR A 195 15.05 7.14 -12.02
C TYR A 195 16.33 6.38 -11.78
N LEU A 196 16.28 5.42 -10.86
CA LEU A 196 17.47 4.69 -10.45
C LEU A 196 18.00 3.92 -11.62
N ALA A 197 17.12 3.28 -12.36
CA ALA A 197 17.54 2.49 -13.52
C ALA A 197 18.22 3.35 -14.61
N SER A 198 17.80 4.60 -14.72
CA SER A 198 18.37 5.54 -15.66
C SER A 198 19.69 6.04 -15.14
N VAL A 199 19.77 6.57 -13.94
CA VAL A 199 21.00 7.21 -13.56
C VAL A 199 22.10 6.20 -13.25
N ALA A 200 21.76 4.94 -12.87
CA ALA A 200 22.80 4.00 -12.50
C ALA A 200 22.96 2.90 -13.56
N GLY A 201 22.33 3.09 -14.72
CA GLY A 201 22.17 2.03 -15.71
C GLY A 201 23.38 1.88 -16.63
N ARG A 202 23.47 0.72 -17.30
CA ARG A 202 24.56 0.40 -18.23
C ARG A 202 24.01 0.10 -19.65
N VAL A 210 19.00 -4.22 -21.25
CA VAL A 210 18.17 -5.45 -21.15
C VAL A 210 17.66 -5.63 -19.72
N LEU A 211 18.58 -5.79 -18.77
CA LEU A 211 18.27 -5.91 -17.33
C LEU A 211 17.37 -4.76 -16.89
N GLU A 212 17.77 -3.55 -17.25
CA GLU A 212 17.00 -2.38 -16.88
C GLU A 212 15.59 -2.41 -17.47
N GLN A 213 15.46 -2.81 -18.74
CA GLN A 213 14.15 -3.05 -19.31
C GLN A 213 13.37 -4.17 -18.58
N GLN A 214 14.02 -5.23 -18.17
CA GLN A 214 13.31 -6.32 -17.52
C GLN A 214 12.80 -5.84 -16.13
N ILE A 215 13.57 -4.97 -15.48
CA ILE A 215 13.17 -4.43 -14.17
C ILE A 215 11.87 -3.69 -14.34
N LEU A 216 11.76 -2.89 -15.39
CA LEU A 216 10.59 -2.03 -15.56
C LEU A 216 9.37 -2.83 -16.01
N GLN A 217 9.61 -3.80 -16.88
CA GLN A 217 8.58 -4.64 -17.39
C GLN A 217 8.00 -5.68 -16.38
N ALA A 218 8.65 -5.88 -15.24
CA ALA A 218 8.07 -6.60 -14.13
C ALA A 218 6.72 -6.02 -13.71
N ASN A 219 6.59 -4.70 -13.84
CA ASN A 219 5.45 -4.04 -13.27
C ASN A 219 4.10 -4.29 -13.92
N PRO A 220 3.93 -4.22 -15.24
CA PRO A 220 2.65 -4.57 -15.83
C PRO A 220 2.25 -6.03 -15.48
N ILE A 221 3.22 -6.91 -15.33
CA ILE A 221 2.88 -8.30 -15.01
C ILE A 221 2.36 -8.29 -13.60
N LEU A 222 3.07 -7.68 -12.65
CA LEU A 222 2.62 -7.73 -11.24
C LEU A 222 1.27 -7.04 -11.09
N GLU A 223 1.08 -5.90 -11.78
CA GLU A 223 -0.19 -5.20 -11.72
C GLU A 223 -1.32 -5.93 -12.35
N ALA A 224 -1.10 -6.61 -13.48
CA ALA A 224 -2.20 -7.34 -14.08
C ALA A 224 -2.73 -8.41 -13.12
N PHE A 225 -1.82 -9.08 -12.40
CA PHE A 225 -2.24 -10.18 -11.54
C PHE A 225 -2.58 -9.78 -10.11
N GLY A 226 -2.02 -8.64 -9.64
CA GLY A 226 -2.08 -8.30 -8.24
C GLY A 226 -2.83 -7.03 -7.93
N ASN A 227 -3.30 -6.33 -8.95
CA ASN A 227 -4.07 -5.11 -8.79
C ASN A 227 -5.48 -5.28 -9.31
N ALA A 228 -6.38 -4.49 -8.73
CA ALA A 228 -7.79 -4.51 -9.06
C ALA A 228 -8.46 -3.21 -8.75
N LYS A 229 -9.61 -2.98 -9.36
CA LYS A 229 -10.48 -1.85 -8.94
C LYS A 229 -11.15 -2.10 -7.61
N THR A 230 -10.89 -1.23 -6.62
CA THR A 230 -11.71 -1.14 -5.45
C THR A 230 -12.52 0.16 -5.50
N THR A 231 -13.33 0.41 -4.49
CA THR A 231 -14.08 1.69 -4.42
C THR A 231 -13.15 2.85 -4.11
N ARG A 232 -11.90 2.58 -3.74
CA ARG A 232 -10.97 3.66 -3.44
C ARG A 232 -9.91 3.94 -4.53
N ASN A 233 -9.66 2.98 -5.39
CA ASN A 233 -8.64 3.09 -6.37
C ASN A 233 -8.90 2.15 -7.52
N ASN A 234 -8.94 2.68 -8.73
CA ASN A 234 -9.18 1.90 -9.93
C ASN A 234 -8.01 0.95 -10.21
N ASN A 235 -6.84 1.23 -9.61
CA ASN A 235 -5.67 0.39 -9.76
C ASN A 235 -5.06 -0.02 -8.41
N SER A 236 -5.90 -0.41 -7.47
CA SER A 236 -5.47 -0.78 -6.13
C SER A 236 -4.53 -1.99 -6.12
N SER A 237 -3.40 -1.83 -5.47
CA SER A 237 -2.47 -2.92 -5.18
C SER A 237 -3.09 -3.79 -4.09
N ARG A 238 -3.34 -5.05 -4.37
CA ARG A 238 -3.94 -5.95 -3.38
C ARG A 238 -2.85 -6.93 -2.81
N PHE A 239 -1.58 -6.54 -3.01
CA PHE A 239 -0.42 -7.11 -2.36
C PHE A 239 0.57 -5.97 -2.15
N GLY A 240 1.34 -6.08 -1.09
CA GLY A 240 2.45 -5.19 -0.78
C GLY A 240 3.74 -5.78 -1.36
N LYS A 241 4.68 -4.89 -1.60
CA LYS A 241 6.00 -5.30 -2.10
C LYS A 241 7.10 -4.38 -1.61
N PHE A 242 8.28 -4.98 -1.55
CA PHE A 242 9.52 -4.26 -1.24
C PHE A 242 10.46 -4.58 -2.39
N ILE A 243 10.85 -3.56 -3.15
CA ILE A 243 11.64 -3.81 -4.37
C ILE A 243 13.08 -3.45 -3.98
N GLU A 244 14.03 -4.39 -4.03
CA GLU A 244 15.43 -4.07 -3.79
C GLU A 244 16.07 -3.81 -5.13
N ILE A 245 16.45 -2.58 -5.40
CA ILE A 245 17.27 -2.28 -6.58
C ILE A 245 18.75 -2.45 -6.14
N GLN A 246 19.47 -3.33 -6.82
CA GLN A 246 20.81 -3.80 -6.35
C GLN A 246 21.89 -3.10 -7.19
N PHE A 247 22.99 -2.75 -6.54
CA PHE A 247 24.09 -2.01 -7.20
C PHE A 247 25.43 -2.71 -6.89
N ASN A 248 26.37 -2.69 -7.83
CA ASN A 248 27.73 -3.18 -7.53
C ASN A 248 28.47 -2.09 -6.81
N SER A 249 29.73 -2.39 -6.44
CA SER A 249 30.59 -1.52 -5.67
C SER A 249 30.80 -0.19 -6.37
N ALA A 250 30.72 -0.18 -7.70
CA ALA A 250 30.91 1.04 -8.48
C ALA A 250 29.65 1.90 -8.60
N GLY A 251 28.50 1.38 -8.16
CA GLY A 251 27.30 2.18 -8.20
C GLY A 251 26.44 1.94 -9.39
N PHE A 252 26.80 0.98 -10.24
CA PHE A 252 25.93 0.66 -11.36
C PHE A 252 24.90 -0.38 -10.92
N ILE A 253 23.73 -0.31 -11.54
CA ILE A 253 22.70 -1.31 -11.32
C ILE A 253 23.15 -2.69 -11.76
N SER A 254 23.01 -3.66 -10.87
CA SER A 254 23.48 -5.01 -11.12
C SER A 254 22.35 -6.06 -11.06
N GLY A 255 21.19 -5.64 -10.55
CA GLY A 255 20.03 -6.48 -10.55
C GLY A 255 18.91 -5.88 -9.72
N ALA A 256 17.94 -6.74 -9.41
CA ALA A 256 16.79 -6.36 -8.56
C ALA A 256 16.10 -7.63 -8.07
N SER A 257 15.44 -7.50 -6.92
CA SER A 257 14.69 -8.54 -6.27
C SER A 257 13.40 -7.97 -5.66
N ILE A 258 12.30 -8.64 -5.96
CA ILE A 258 10.96 -8.23 -5.48
C ILE A 258 10.56 -9.16 -4.37
N GLN A 259 10.43 -8.63 -3.17
CA GLN A 259 9.74 -9.34 -2.09
C GLN A 259 8.26 -8.96 -2.19
N SER A 260 7.43 -9.94 -2.51
CA SER A 260 5.97 -9.73 -2.43
C SER A 260 5.45 -10.25 -1.10
N TYR A 261 4.40 -9.60 -0.60
CA TYR A 261 3.74 -9.96 0.64
C TYR A 261 2.37 -10.54 0.30
N LEU A 262 1.66 -10.99 1.31
CA LEU A 262 0.44 -11.74 1.13
C LEU A 262 -0.53 -11.05 0.16
N LEU A 263 -1.02 -11.82 -0.80
CA LEU A 263 -2.04 -11.38 -1.75
C LEU A 263 -3.47 -11.54 -1.23
N GLU A 264 -4.34 -10.57 -1.52
CA GLU A 264 -5.77 -10.72 -1.21
C GLU A 264 -6.49 -11.73 -2.13
N LYS A 265 -6.23 -13.00 -1.89
CA LYS A 265 -6.78 -14.07 -2.71
C LYS A 265 -8.22 -14.14 -2.70
N SER A 266 -8.83 -13.73 -1.64
CA SER A 266 -10.28 -13.73 -1.55
C SER A 266 -10.98 -12.97 -2.68
N ARG A 267 -10.33 -11.96 -3.26
CA ARG A 267 -10.96 -11.18 -4.31
C ARG A 267 -11.20 -12.02 -5.54
N VAL A 268 -10.46 -13.14 -5.74
CA VAL A 268 -10.69 -14.00 -6.89
C VAL A 268 -12.12 -14.52 -6.93
N VAL A 269 -12.67 -14.81 -5.77
CA VAL A 269 -13.97 -15.43 -5.68
C VAL A 269 -15.09 -14.51 -5.24
N PHE A 270 -14.81 -13.32 -4.75
CA PHE A 270 -15.84 -12.38 -4.29
C PHE A 270 -15.37 -10.94 -4.49
N GLN A 271 -16.25 -10.07 -4.99
CA GLN A 271 -15.99 -8.63 -5.07
C GLN A 271 -17.29 -7.88 -4.66
N SER A 272 -17.13 -6.91 -3.78
CA SER A 272 -18.13 -5.98 -3.43
C SER A 272 -18.65 -5.19 -4.65
N GLU A 273 -19.85 -4.65 -4.49
CA GLU A 273 -20.50 -3.82 -5.52
C GLU A 273 -19.59 -2.72 -6.04
N THR A 274 -19.52 -2.60 -7.35
CA THR A 274 -18.72 -1.66 -8.17
C THR A 274 -17.24 -1.99 -8.30
N GLU A 275 -16.74 -3.00 -7.55
CA GLU A 275 -15.33 -3.39 -7.65
C GLU A 275 -15.13 -4.35 -8.81
N ARG A 276 -13.88 -4.64 -9.09
CA ARG A 276 -13.54 -5.68 -10.07
C ARG A 276 -12.70 -6.76 -9.35
N ASN A 277 -12.66 -7.92 -9.97
CA ASN A 277 -11.64 -8.94 -9.76
C ASN A 277 -10.32 -8.37 -10.29
N TYR A 278 -9.27 -9.17 -10.21
CA TYR A 278 -7.96 -8.78 -10.73
C TYR A 278 -8.06 -8.46 -12.22
N HIS A 279 -7.25 -7.47 -12.65
CA HIS A 279 -7.31 -6.96 -14.02
C HIS A 279 -7.15 -8.07 -15.07
N ILE A 280 -6.25 -9.04 -14.81
CA ILE A 280 -5.93 -10.09 -15.78
C ILE A 280 -7.13 -10.82 -16.32
N PHE A 281 -8.13 -11.05 -15.49
CA PHE A 281 -9.33 -11.73 -15.96
C PHE A 281 -9.99 -10.95 -17.10
N TYR A 282 -10.09 -9.65 -16.94
CA TYR A 282 -10.76 -8.81 -17.91
C TYR A 282 -9.85 -8.62 -19.14
N GLN A 283 -8.55 -8.58 -18.91
CA GLN A 283 -7.54 -8.48 -19.97
C GLN A 283 -7.60 -9.70 -20.90
N LEU A 284 -7.70 -10.88 -20.31
CA LEU A 284 -7.81 -12.10 -21.09
C LEU A 284 -9.07 -12.13 -21.91
N LEU A 285 -10.21 -11.88 -21.28
CA LEU A 285 -11.44 -12.03 -21.97
C LEU A 285 -11.58 -11.01 -23.13
N ALA A 286 -11.00 -9.83 -22.94
CA ALA A 286 -11.06 -8.75 -23.95
C ALA A 286 -10.03 -8.90 -25.04
N GLY A 287 -8.88 -9.45 -24.68
CA GLY A 287 -7.70 -9.40 -25.51
C GLY A 287 -7.36 -10.66 -26.25
N ALA A 288 -7.98 -11.78 -25.91
CA ALA A 288 -7.57 -13.11 -26.42
C ALA A 288 -7.89 -13.26 -27.91
N THR A 289 -7.03 -14.03 -28.60
CA THR A 289 -7.18 -14.38 -30.03
C THR A 289 -8.54 -15.06 -30.24
N ALA A 290 -8.91 -15.13 -31.50
CA ALA A 290 -10.26 -15.55 -31.87
C ALA A 290 -10.56 -16.93 -31.34
N GLU A 291 -9.63 -17.82 -31.60
CA GLU A 291 -9.77 -19.17 -31.14
C GLU A 291 -8.82 -19.45 -30.01
N GLU A 292 -8.09 -18.45 -29.52
CA GLU A 292 -7.55 -18.51 -28.16
C GLU A 292 -8.78 -18.73 -27.27
N LYS A 293 -9.83 -17.96 -27.53
CA LYS A 293 -11.04 -18.00 -26.76
C LYS A 293 -11.77 -19.31 -26.95
N LYS A 294 -11.66 -19.89 -28.16
CA LYS A 294 -12.19 -21.24 -28.44
C LYS A 294 -11.39 -22.33 -27.75
N ALA A 295 -10.08 -22.31 -27.85
CA ALA A 295 -9.30 -23.29 -27.15
C ALA A 295 -9.51 -23.25 -25.60
N LEU A 296 -9.86 -22.08 -25.03
CA LEU A 296 -10.01 -21.95 -23.56
C LEU A 296 -11.44 -21.95 -23.09
N HIS A 297 -12.36 -22.09 -24.04
CA HIS A 297 -13.79 -22.14 -23.81
C HIS A 297 -14.33 -20.88 -23.13
N LEU A 298 -13.82 -19.73 -23.55
CA LEU A 298 -14.17 -18.47 -22.88
C LEU A 298 -15.26 -17.73 -23.61
N ALA A 299 -16.06 -16.97 -22.89
CA ALA A 299 -17.07 -16.05 -23.39
C ALA A 299 -16.74 -14.68 -22.78
N GLY A 300 -17.75 -13.82 -22.60
CA GLY A 300 -17.54 -12.51 -22.00
C GLY A 300 -17.67 -12.57 -20.45
N PRO A 301 -17.32 -11.49 -19.76
CA PRO A 301 -17.27 -11.52 -18.29
C PRO A 301 -18.60 -11.81 -17.66
N GLU A 302 -19.67 -11.39 -18.34
CA GLU A 302 -20.99 -11.57 -17.79
C GLU A 302 -21.37 -13.06 -17.60
N SER A 303 -20.65 -13.93 -18.30
CA SER A 303 -20.87 -15.37 -18.32
C SER A 303 -20.19 -16.09 -17.14
N PHE A 304 -19.36 -15.37 -16.38
CA PHE A 304 -18.60 -16.00 -15.30
C PHE A 304 -18.95 -15.46 -13.93
N ASN A 305 -19.35 -16.37 -13.02
CA ASN A 305 -19.73 -16.03 -11.66
C ASN A 305 -18.67 -15.17 -10.94
N TYR A 306 -17.38 -15.38 -11.21
CA TYR A 306 -16.33 -14.65 -10.49
C TYR A 306 -16.11 -13.22 -11.08
N LEU A 307 -16.81 -12.90 -12.19
CA LEU A 307 -16.75 -11.57 -12.84
C LEU A 307 -18.12 -10.86 -13.00
N ASN A 308 -19.21 -11.49 -12.59
CA ASN A 308 -20.51 -10.94 -12.92
C ASN A 308 -21.34 -10.56 -11.72
N GLN A 309 -20.73 -10.44 -10.57
CA GLN A 309 -21.47 -10.18 -9.36
C GLN A 309 -21.39 -8.71 -8.91
N SER A 310 -20.30 -8.02 -9.21
CA SER A 310 -20.10 -6.66 -8.69
C SER A 310 -20.89 -5.59 -9.48
N GLY A 311 -21.28 -5.91 -10.70
CA GLY A 311 -22.00 -5.01 -11.61
C GLY A 311 -21.02 -4.19 -12.42
N CYS A 312 -19.72 -4.38 -12.25
CA CYS A 312 -18.68 -3.61 -12.96
C CYS A 312 -17.67 -4.52 -13.65
N VAL A 313 -17.60 -4.45 -14.96
CA VAL A 313 -16.63 -5.15 -15.75
C VAL A 313 -15.64 -4.26 -16.47
N ASP A 314 -15.84 -2.94 -16.44
CA ASP A 314 -14.98 -1.97 -17.17
C ASP A 314 -14.53 -0.88 -16.21
N ILE A 315 -13.37 -0.32 -16.46
CA ILE A 315 -12.87 0.83 -15.72
C ILE A 315 -12.73 2.01 -16.71
N LYS A 316 -13.25 3.16 -16.29
CA LYS A 316 -13.22 4.35 -17.13
C LYS A 316 -11.81 4.69 -17.53
N GLY A 317 -11.57 4.80 -18.82
CA GLY A 317 -10.29 5.22 -19.34
C GLY A 317 -9.33 4.10 -19.54
N VAL A 318 -9.78 2.85 -19.34
CA VAL A 318 -8.89 1.69 -19.49
C VAL A 318 -9.43 0.75 -20.56
N SER A 319 -8.57 0.38 -21.46
CA SER A 319 -8.87 -0.63 -22.46
C SER A 319 -8.20 -1.89 -21.99
N ASP A 320 -9.01 -2.84 -21.53
CA ASP A 320 -8.45 -4.10 -21.08
C ASP A 320 -7.79 -4.85 -22.22
N SER A 321 -8.31 -4.71 -23.46
CA SER A 321 -7.60 -5.35 -24.61
C SER A 321 -6.23 -4.76 -24.84
N GLU A 322 -6.10 -3.45 -24.74
CA GLU A 322 -4.76 -2.86 -24.91
C GLU A 322 -3.83 -3.26 -23.77
N GLU A 323 -4.38 -3.32 -22.57
CA GLU A 323 -3.57 -3.70 -21.38
C GLU A 323 -3.08 -5.11 -21.54
N PHE A 324 -3.93 -5.99 -22.08
CA PHE A 324 -3.55 -7.40 -22.26
C PHE A 324 -2.31 -7.48 -23.17
N LYS A 325 -2.32 -6.67 -24.25
CA LYS A 325 -1.15 -6.64 -25.14
C LYS A 325 0.09 -6.12 -24.39
N ILE A 326 -0.04 -5.14 -23.55
CA ILE A 326 1.09 -4.64 -22.76
C ILE A 326 1.57 -5.73 -21.78
N THR A 327 0.62 -6.45 -21.20
CA THR A 327 1.03 -7.55 -20.28
C THR A 327 1.82 -8.64 -20.97
N ARG A 328 1.34 -9.06 -22.15
CA ARG A 328 2.05 -10.08 -22.94
C ARG A 328 3.42 -9.61 -23.43
N GLN A 329 3.53 -8.35 -23.82
CA GLN A 329 4.84 -7.80 -24.26
C GLN A 329 5.79 -7.83 -23.10
N ALA A 330 5.28 -7.51 -21.91
CA ALA A 330 6.11 -7.61 -20.74
C ALA A 330 6.55 -9.03 -20.43
N MET A 331 5.62 -9.97 -20.50
CA MET A 331 6.01 -11.36 -20.29
C MET A 331 7.12 -11.81 -21.31
N ASP A 332 7.03 -11.34 -22.54
CA ASP A 332 8.09 -11.62 -23.58
C ASP A 332 9.43 -11.08 -23.17
N ILE A 333 9.47 -9.82 -22.73
CA ILE A 333 10.74 -9.20 -22.36
C ILE A 333 11.41 -9.84 -21.16
N VAL A 334 10.59 -10.17 -20.14
CA VAL A 334 11.10 -10.83 -18.98
C VAL A 334 11.53 -12.23 -19.30
N GLY A 335 10.90 -12.88 -20.27
CA GLY A 335 11.43 -14.15 -20.75
C GLY A 335 10.59 -15.40 -20.50
N PHE A 336 9.30 -15.21 -20.21
CA PHE A 336 8.39 -16.31 -20.15
C PHE A 336 8.21 -16.84 -21.55
N SER A 337 8.34 -18.13 -21.68
CA SER A 337 8.13 -18.76 -22.98
C SER A 337 6.66 -18.74 -23.44
N GLN A 338 6.49 -19.04 -24.71
CA GLN A 338 5.18 -19.18 -25.28
C GLN A 338 4.31 -20.26 -24.60
N GLU A 339 4.90 -21.40 -24.30
CA GLU A 339 4.16 -22.46 -23.63
C GLU A 339 3.80 -21.97 -22.20
N GLU A 340 4.71 -21.26 -21.56
CA GLU A 340 4.49 -20.75 -20.19
C GLU A 340 3.33 -19.80 -20.21
N GLN A 341 3.29 -18.92 -21.20
CA GLN A 341 2.25 -17.92 -21.24
C GLN A 341 0.93 -18.60 -21.47
N MET A 342 0.91 -19.57 -22.36
CA MET A 342 -0.30 -20.30 -22.61
C MET A 342 -0.80 -21.05 -21.36
N SER A 343 0.08 -21.63 -20.59
CA SER A 343 -0.27 -22.29 -19.32
C SER A 343 -0.82 -21.29 -18.25
N ILE A 344 -0.19 -20.12 -18.18
CA ILE A 344 -0.65 -19.04 -17.29
C ILE A 344 -2.06 -18.75 -17.69
N PHE A 345 -2.33 -18.57 -19.00
CA PHE A 345 -3.70 -18.26 -19.41
C PHE A 345 -4.70 -19.39 -19.27
N LYS A 346 -4.23 -20.62 -19.38
CA LYS A 346 -5.07 -21.78 -19.06
C LYS A 346 -5.51 -21.78 -17.59
N ILE A 347 -4.63 -21.35 -16.70
CA ILE A 347 -4.92 -21.34 -15.28
C ILE A 347 -5.95 -20.29 -15.01
N ILE A 348 -5.83 -19.10 -15.66
CA ILE A 348 -6.79 -18.06 -15.49
C ILE A 348 -8.16 -18.51 -15.97
N ALA A 349 -8.21 -19.14 -17.15
CA ALA A 349 -9.47 -19.63 -17.73
C ALA A 349 -10.08 -20.73 -16.91
N GLY A 350 -9.22 -21.61 -16.40
CA GLY A 350 -9.67 -22.69 -15.53
C GLY A 350 -10.32 -22.25 -14.23
N ILE A 351 -9.76 -21.18 -13.66
CA ILE A 351 -10.31 -20.57 -12.49
C ILE A 351 -11.70 -20.05 -12.82
N LEU A 352 -11.85 -19.35 -13.94
CA LEU A 352 -13.18 -18.86 -14.28
C LEU A 352 -14.17 -20.01 -14.46
N HIS A 353 -13.74 -21.10 -15.08
CA HIS A 353 -14.66 -22.26 -15.21
C HIS A 353 -15.00 -22.84 -13.87
N LEU A 354 -14.00 -22.99 -12.98
CA LEU A 354 -14.26 -23.55 -11.64
C LEU A 354 -15.36 -22.75 -10.94
N GLY A 355 -15.35 -21.43 -11.14
CA GLY A 355 -16.30 -20.55 -10.51
C GLY A 355 -17.71 -20.79 -11.01
N ASN A 356 -17.84 -21.35 -12.20
CA ASN A 356 -19.14 -21.63 -12.77
C ASN A 356 -19.74 -22.96 -12.36
N ILE A 357 -18.99 -23.82 -11.66
CA ILE A 357 -19.56 -25.04 -11.16
C ILE A 357 -20.68 -24.74 -10.18
N LYS A 358 -21.83 -25.40 -10.35
CA LYS A 358 -22.97 -25.12 -9.50
C LYS A 358 -23.33 -26.43 -8.79
N PHE A 359 -23.06 -26.47 -7.50
CA PHE A 359 -23.34 -27.65 -6.75
C PHE A 359 -24.84 -27.65 -6.42
N GLU A 360 -25.48 -28.84 -6.39
CA GLU A 360 -26.89 -28.91 -5.94
C GLU A 360 -27.10 -29.98 -4.89
N LYS A 361 -28.20 -29.87 -4.13
CA LYS A 361 -28.55 -30.88 -3.13
C LYS A 361 -28.91 -32.19 -3.86
N GLY A 362 -28.30 -33.31 -3.44
CA GLY A 362 -28.64 -34.65 -3.89
C GLY A 362 -29.85 -35.20 -3.12
N ALA A 363 -30.02 -36.52 -3.20
CA ALA A 363 -31.09 -37.22 -2.42
C ALA A 363 -30.98 -36.96 -0.93
N GLY A 364 -29.76 -36.92 -0.41
CA GLY A 364 -29.53 -36.59 1.00
C GLY A 364 -28.97 -35.20 1.31
N GLU A 365 -28.13 -35.13 2.33
CA GLU A 365 -27.51 -33.86 2.71
C GLU A 365 -26.32 -33.50 1.79
N GLY A 366 -25.67 -34.52 1.18
CA GLY A 366 -24.49 -34.35 0.34
C GLY A 366 -24.81 -33.71 -1.02
N ALA A 367 -23.89 -32.89 -1.52
CA ALA A 367 -24.04 -32.26 -2.81
C ALA A 367 -23.79 -33.18 -3.99
N VAL A 368 -24.37 -32.81 -5.13
CA VAL A 368 -24.10 -33.45 -6.41
C VAL A 368 -23.91 -32.36 -7.46
N LEU A 369 -23.37 -32.80 -8.59
CA LEU A 369 -23.14 -31.99 -9.72
C LEU A 369 -23.94 -32.57 -10.86
N LYS A 370 -25.06 -31.93 -11.19
CA LYS A 370 -25.88 -32.39 -12.29
C LYS A 370 -25.42 -31.93 -13.64
N ASP A 371 -24.93 -30.71 -13.72
CA ASP A 371 -24.40 -30.21 -14.97
C ASP A 371 -22.88 -30.12 -14.76
N LYS A 372 -22.12 -30.83 -15.61
CA LYS A 372 -20.70 -30.92 -15.49
C LYS A 372 -19.98 -30.11 -16.58
N THR A 373 -20.67 -29.17 -17.23
CA THR A 373 -20.01 -28.44 -18.30
C THR A 373 -18.78 -27.66 -17.84
N ALA A 374 -18.93 -26.84 -16.80
CA ALA A 374 -17.81 -26.06 -16.25
C ALA A 374 -16.73 -26.92 -15.66
N LEU A 375 -17.13 -27.94 -14.91
CA LEU A 375 -16.16 -28.94 -14.38
C LEU A 375 -15.27 -29.51 -15.49
N ASN A 376 -15.94 -29.91 -16.58
CA ASN A 376 -15.25 -30.48 -17.72
C ASN A 376 -14.35 -29.49 -18.42
N ALA A 377 -14.80 -28.26 -18.58
CA ALA A 377 -13.97 -27.22 -19.19
C ALA A 377 -12.77 -26.84 -18.35
N ALA A 378 -12.97 -26.69 -17.02
CA ALA A 378 -11.83 -26.52 -16.09
C ALA A 378 -10.84 -27.67 -16.19
N SER A 379 -11.35 -28.90 -16.17
CA SER A 379 -10.45 -30.04 -16.15
C SER A 379 -9.60 -30.12 -17.40
N THR A 380 -10.20 -29.77 -18.53
CA THR A 380 -9.50 -29.80 -19.82
C THR A 380 -8.38 -28.81 -19.86
N VAL A 381 -8.67 -27.59 -19.45
CA VAL A 381 -7.62 -26.59 -19.53
C VAL A 381 -6.53 -26.80 -18.50
N PHE A 382 -6.89 -27.27 -17.30
CA PHE A 382 -5.86 -27.53 -16.27
C PHE A 382 -5.05 -28.80 -16.54
N GLY A 383 -5.59 -29.69 -17.37
CA GLY A 383 -5.04 -31.01 -17.63
C GLY A 383 -5.14 -31.96 -16.45
N VAL A 384 -6.31 -31.94 -15.79
CA VAL A 384 -6.61 -32.86 -14.72
C VAL A 384 -7.80 -33.73 -15.07
N ASN A 385 -7.96 -34.80 -14.32
CA ASN A 385 -9.06 -35.74 -14.50
C ASN A 385 -10.37 -35.25 -13.85
N PRO A 386 -11.40 -35.02 -14.63
CA PRO A 386 -12.61 -34.45 -14.07
C PRO A 386 -13.29 -35.34 -13.06
N SER A 387 -13.20 -36.66 -13.21
CA SER A 387 -13.87 -37.50 -12.21
C SER A 387 -13.20 -37.41 -10.86
N VAL A 388 -11.88 -37.36 -10.87
CA VAL A 388 -11.09 -37.22 -9.68
C VAL A 388 -11.37 -35.82 -9.06
N LEU A 389 -11.48 -34.79 -9.91
CA LEU A 389 -11.73 -33.46 -9.41
C LEU A 389 -13.07 -33.40 -8.73
N GLU A 390 -14.09 -33.97 -9.36
CA GLU A 390 -15.44 -34.00 -8.82
C GLU A 390 -15.50 -34.64 -7.42
N LYS A 391 -14.89 -35.83 -7.33
CA LYS A 391 -14.80 -36.54 -6.06
C LYS A 391 -14.03 -35.76 -5.05
N ALA A 392 -12.94 -35.11 -5.43
CA ALA A 392 -12.18 -34.34 -4.49
C ALA A 392 -12.92 -33.09 -3.97
N LEU A 393 -13.78 -32.49 -4.79
CA LEU A 393 -14.63 -31.34 -4.35
C LEU A 393 -15.76 -31.72 -3.39
N MET A 394 -16.50 -32.79 -3.70
CA MET A 394 -17.67 -33.17 -2.92
C MET A 394 -17.47 -34.34 -1.96
N GLU A 395 -16.47 -35.19 -2.22
CA GLU A 395 -16.25 -36.30 -1.33
C GLU A 395 -14.80 -36.42 -0.96
N PRO A 396 -14.22 -35.40 -0.34
CA PRO A 396 -12.80 -35.48 -0.02
C PRO A 396 -12.56 -36.48 1.12
N ARG A 397 -11.42 -37.13 1.10
CA ARG A 397 -11.05 -38.06 2.20
C ARG A 397 -10.23 -37.31 3.21
N ILE A 398 -10.55 -37.56 4.48
CA ILE A 398 -9.78 -37.00 5.60
C ILE A 398 -9.46 -38.11 6.63
N LEU A 399 -8.60 -37.83 7.61
CA LEU A 399 -8.39 -38.76 8.75
C LEU A 399 -9.37 -38.42 9.86
N ALA A 400 -9.97 -39.47 10.45
CA ALA A 400 -10.69 -39.40 11.70
C ALA A 400 -9.90 -40.36 12.64
N GLY A 401 -9.09 -39.78 13.51
CA GLY A 401 -8.03 -40.48 14.20
C GLY A 401 -7.00 -40.91 13.18
N ARG A 402 -6.90 -42.21 12.96
CA ARG A 402 -6.06 -42.74 11.90
C ARG A 402 -6.85 -43.34 10.75
N ASP A 403 -8.16 -43.44 10.93
CA ASP A 403 -9.03 -43.96 9.88
C ASP A 403 -9.15 -42.96 8.71
N LEU A 404 -9.37 -43.47 7.50
CA LEU A 404 -9.49 -42.63 6.30
C LEU A 404 -10.97 -42.63 5.95
N VAL A 405 -11.64 -41.48 6.02
CA VAL A 405 -13.11 -41.42 5.85
C VAL A 405 -13.43 -40.46 4.71
N ALA A 406 -14.20 -40.92 3.71
CA ALA A 406 -14.68 -40.04 2.65
C ALA A 406 -15.79 -39.19 3.23
N GLN A 407 -15.67 -37.88 3.09
CA GLN A 407 -16.76 -37.02 3.50
C GLN A 407 -17.77 -36.99 2.34
N HIS A 408 -18.95 -36.43 2.61
CA HIS A 408 -19.85 -36.01 1.54
C HIS A 408 -20.35 -34.60 1.87
N LEU A 409 -19.68 -33.63 1.29
CA LEU A 409 -19.93 -32.23 1.62
C LEU A 409 -21.27 -31.80 1.02
N ASN A 410 -21.97 -30.96 1.76
CA ASN A 410 -23.20 -30.33 1.32
C ASN A 410 -22.85 -29.21 0.32
N VAL A 411 -23.87 -28.50 -0.17
CA VAL A 411 -23.66 -27.49 -1.19
C VAL A 411 -22.71 -26.39 -0.72
N GLU A 412 -22.91 -25.88 0.49
CA GLU A 412 -22.16 -24.73 0.97
C GLU A 412 -20.69 -25.11 1.17
N LYS A 413 -20.45 -26.28 1.78
CA LYS A 413 -19.05 -26.76 1.94
C LYS A 413 -18.34 -27.10 0.62
N SER A 414 -19.08 -27.68 -0.33
CA SER A 414 -18.54 -27.99 -1.64
C SER A 414 -18.14 -26.71 -2.35
N SER A 415 -19.02 -25.74 -2.29
CA SER A 415 -18.76 -24.44 -2.89
C SER A 415 -17.55 -23.75 -2.23
N SER A 416 -17.43 -23.83 -0.90
CA SER A 416 -16.32 -23.21 -0.18
CA SER A 416 -16.30 -23.22 -0.19
C SER A 416 -14.99 -23.93 -0.52
N SER A 417 -15.07 -25.26 -0.67
CA SER A 417 -13.89 -26.02 -1.10
C SER A 417 -13.43 -25.65 -2.50
N ARG A 418 -14.35 -25.55 -3.43
CA ARG A 418 -14.05 -25.12 -4.74
C ARG A 418 -13.40 -23.73 -4.67
N ASP A 419 -13.94 -22.85 -3.87
CA ASP A 419 -13.34 -21.48 -3.72
C ASP A 419 -11.92 -21.57 -3.19
N ALA A 420 -11.72 -22.47 -2.25
CA ALA A 420 -10.37 -22.69 -1.68
C ALA A 420 -9.36 -23.13 -2.70
N LEU A 421 -9.78 -24.05 -3.55
CA LEU A 421 -8.95 -24.48 -4.64
C LEU A 421 -8.61 -23.30 -5.59
N VAL A 422 -9.61 -22.51 -5.93
CA VAL A 422 -9.41 -21.34 -6.78
C VAL A 422 -8.40 -20.36 -6.17
N LYS A 423 -8.61 -20.02 -4.91
CA LYS A 423 -7.72 -19.07 -4.25
C LYS A 423 -6.29 -19.61 -4.18
N ALA A 424 -6.13 -20.88 -3.87
CA ALA A 424 -4.80 -21.52 -3.83
C ALA A 424 -4.19 -21.50 -5.20
N LEU A 425 -4.93 -21.83 -6.25
CA LEU A 425 -4.35 -21.78 -7.59
C LEU A 425 -3.85 -20.36 -7.90
N TYR A 426 -4.68 -19.36 -7.63
CA TYR A 426 -4.31 -18.01 -7.98
C TYR A 426 -3.12 -17.50 -7.18
N GLY A 427 -3.14 -17.72 -5.87
CA GLY A 427 -2.05 -17.25 -5.00
C GLY A 427 -0.77 -17.96 -5.34
N ARG A 428 -0.81 -19.27 -5.63
CA ARG A 428 0.41 -19.96 -6.06
C ARG A 428 0.94 -19.49 -7.42
N LEU A 429 0.03 -19.25 -8.36
CA LEU A 429 0.40 -18.72 -9.65
C LEU A 429 1.10 -17.36 -9.41
N PHE A 430 0.52 -16.52 -8.58
CA PHE A 430 1.15 -15.23 -8.30
C PHE A 430 2.57 -15.37 -7.77
N LEU A 431 2.76 -16.25 -6.82
CA LEU A 431 4.06 -16.55 -6.27
C LEU A 431 5.05 -17.05 -7.34
N TRP A 432 4.58 -17.91 -8.20
CA TRP A 432 5.36 -18.46 -9.28
C TRP A 432 5.78 -17.32 -10.26
N LEU A 433 4.87 -16.45 -10.63
CA LEU A 433 5.24 -15.28 -11.44
C LEU A 433 6.32 -14.47 -10.83
N VAL A 434 6.19 -14.18 -9.55
CA VAL A 434 7.22 -13.43 -8.85
C VAL A 434 8.59 -14.16 -8.79
N LYS A 435 8.55 -15.44 -8.50
CA LYS A 435 9.76 -16.24 -8.42
C LYS A 435 10.44 -16.28 -9.82
N LYS A 436 9.67 -16.38 -10.89
CA LYS A 436 10.21 -16.42 -12.26
C LYS A 436 10.82 -15.07 -12.60
N ILE A 437 10.13 -13.99 -12.27
CA ILE A 437 10.71 -12.67 -12.41
C ILE A 437 12.04 -12.50 -11.65
N ASN A 438 12.08 -12.87 -10.38
CA ASN A 438 13.30 -12.70 -9.59
C ASN A 438 14.51 -13.50 -10.15
N ASN A 439 14.22 -14.69 -10.66
CA ASN A 439 15.27 -15.57 -11.16
C ASN A 439 15.94 -14.88 -12.36
N VAL A 440 15.17 -14.21 -13.19
CA VAL A 440 15.70 -13.35 -14.24
C VAL A 440 16.44 -12.10 -13.76
N LEU A 441 15.97 -11.47 -12.69
CA LEU A 441 16.61 -10.26 -12.21
C LEU A 441 17.77 -10.54 -11.26
N CYS A 442 18.01 -11.80 -10.92
CA CYS A 442 18.98 -12.27 -9.92
C CYS A 442 20.18 -12.77 -10.69
N GLN A 443 21.03 -11.83 -11.06
CA GLN A 443 22.12 -12.15 -11.96
C GLN A 443 23.55 -11.94 -11.38
N GLU A 444 23.65 -11.19 -10.29
CA GLU A 444 24.92 -10.78 -9.66
C GLU A 444 24.63 -10.62 -8.17
N ARG A 445 25.54 -11.05 -7.30
CA ARG A 445 25.45 -10.74 -5.89
C ARG A 445 25.58 -9.23 -5.72
N LYS A 446 24.73 -8.60 -4.92
CA LYS A 446 24.73 -7.15 -4.82
C LYS A 446 25.90 -6.72 -3.95
N ALA A 447 26.40 -5.52 -4.15
CA ALA A 447 27.21 -4.88 -3.15
C ALA A 447 26.33 -4.07 -2.22
N TYR A 448 25.38 -3.32 -2.79
CA TYR A 448 24.47 -2.41 -2.03
C TYR A 448 23.05 -2.49 -2.60
N PHE A 449 22.07 -1.99 -1.86
CA PHE A 449 20.69 -1.90 -2.40
C PHE A 449 20.04 -0.65 -1.91
N ILE A 450 19.10 -0.17 -2.72
CA ILE A 450 18.12 0.80 -2.29
C ILE A 450 16.75 0.05 -2.41
N GLY A 451 16.02 -0.07 -1.30
CA GLY A 451 14.76 -0.78 -1.26
C GLY A 451 13.61 0.17 -1.34
N VAL A 452 12.61 -0.11 -2.15
CA VAL A 452 11.49 0.81 -2.26
C VAL A 452 10.24 0.02 -1.78
N LEU A 453 9.58 0.55 -0.76
CA LEU A 453 8.45 -0.12 -0.12
C LEU A 453 7.15 0.45 -0.63
N ASP A 454 6.30 -0.42 -1.15
CA ASP A 454 5.00 -0.05 -1.68
C ASP A 454 3.98 -1.02 -1.11
N ILE A 455 3.54 -0.77 0.09
CA ILE A 455 2.49 -1.62 0.73
C ILE A 455 1.10 -1.31 0.20
N SER A 456 0.13 -2.17 0.50
CA SER A 456 -1.26 -1.78 0.34
C SER A 456 -1.59 -0.74 1.46
N GLY A 457 -2.18 0.37 1.06
CA GLY A 457 -2.36 1.50 1.91
C GLY A 457 -3.63 1.38 2.77
N PHE A 458 -3.67 2.20 3.79
CA PHE A 458 -4.77 2.24 4.76
C PHE A 458 -6.13 2.32 4.02
N GLU A 459 -7.08 1.47 4.40
CA GLU A 459 -8.32 1.43 3.72
C GLU A 459 -9.49 1.08 4.61
N ILE A 460 -10.63 1.72 4.29
CA ILE A 460 -11.88 1.51 5.02
C ILE A 460 -12.99 1.34 4.00
N PHE A 461 -13.73 0.24 4.15
CA PHE A 461 -14.92 -0.07 3.30
C PHE A 461 -16.15 -0.20 4.17
N LYS A 462 -17.32 -0.30 3.52
CA LYS A 462 -18.54 -0.60 4.26
C LYS A 462 -18.35 -1.87 5.12
N VAL A 463 -17.61 -2.85 4.60
CA VAL A 463 -17.36 -4.13 5.28
C VAL A 463 -15.87 -4.34 5.28
N ASN A 464 -15.28 -4.39 6.48
CA ASN A 464 -13.87 -4.60 6.66
C ASN A 464 -13.68 -5.98 7.30
N SER A 465 -12.80 -6.79 6.70
CA SER A 465 -12.54 -8.14 7.18
C SER A 465 -11.07 -8.31 7.61
N PHE A 466 -10.68 -9.55 7.78
CA PHE A 466 -9.35 -9.91 8.23
C PHE A 466 -8.28 -9.27 7.37
N GLU A 467 -8.47 -9.24 6.07
CA GLU A 467 -7.50 -8.61 5.16
C GLU A 467 -7.32 -7.14 5.48
N GLN A 468 -8.42 -6.46 5.77
CA GLN A 468 -8.34 -5.08 6.11
C GLN A 468 -7.57 -4.86 7.42
N LEU A 469 -7.76 -5.73 8.41
CA LEU A 469 -7.02 -5.55 9.62
C LEU A 469 -5.53 -5.70 9.36
N CYS A 470 -5.14 -6.67 8.56
CA CYS A 470 -3.73 -6.87 8.31
C CYS A 470 -3.13 -5.66 7.52
N ILE A 471 -3.89 -5.16 6.54
CA ILE A 471 -3.46 -4.01 5.72
C ILE A 471 -3.30 -2.82 6.68
N ASN A 472 -4.30 -2.59 7.50
CA ASN A 472 -4.30 -1.38 8.29
C ASN A 472 -3.22 -1.44 9.40
N TYR A 473 -2.95 -2.64 9.88
CA TYR A 473 -1.91 -2.85 10.85
C TYR A 473 -0.57 -2.55 10.19
N THR A 474 -0.37 -2.97 8.94
CA THR A 474 0.89 -2.73 8.24
C THR A 474 1.12 -1.23 8.13
N ASN A 475 0.05 -0.51 7.79
CA ASN A 475 0.12 0.96 7.74
C ASN A 475 0.42 1.61 9.06
N GLU A 476 -0.19 1.12 10.15
CA GLU A 476 0.09 1.62 11.49
C GLU A 476 1.58 1.40 11.86
N LYS A 477 2.12 0.27 11.46
CA LYS A 477 3.50 -0.07 11.75
C LYS A 477 4.47 0.83 10.99
N LEU A 478 4.14 1.09 9.76
CA LEU A 478 4.88 2.02 8.93
C LEU A 478 4.85 3.44 9.48
N GLN A 479 3.71 3.91 9.97
CA GLN A 479 3.62 5.22 10.58
C GLN A 479 4.49 5.20 11.87
N GLN A 480 4.43 4.09 12.64
CA GLN A 480 5.27 4.01 13.84
C GLN A 480 6.78 4.09 13.51
N PHE A 481 7.19 3.46 12.42
CA PHE A 481 8.55 3.54 11.92
C PHE A 481 8.99 4.98 11.58
N PHE A 482 8.13 5.74 10.87
CA PHE A 482 8.32 7.16 10.72
C PHE A 482 8.46 7.87 12.10
N ASN A 483 7.56 7.60 13.00
CA ASN A 483 7.58 8.25 14.30
C ASN A 483 8.91 7.92 15.03
N HIS A 484 9.31 6.67 14.96
CA HIS A 484 10.54 6.19 15.62
C HIS A 484 11.77 6.94 15.10
N HIS A 485 11.86 7.04 13.75
CA HIS A 485 12.99 7.66 13.13
C HIS A 485 13.01 9.17 13.24
N MET A 486 11.85 9.80 13.19
CA MET A 486 11.77 11.27 13.17
C MET A 486 11.89 11.88 14.58
N PHE A 487 11.32 11.23 15.58
CA PHE A 487 11.13 11.80 16.89
C PHE A 487 11.90 10.99 17.96
N LYS A 488 11.72 9.67 18.03
CA LYS A 488 12.21 8.90 19.19
C LYS A 488 13.74 8.74 19.12
N LEU A 489 14.25 8.14 18.04
CA LEU A 489 15.69 8.04 17.83
C LEU A 489 16.42 9.42 17.77
N GLU A 490 15.81 10.43 17.17
CA GLU A 490 16.41 11.72 17.09
C GLU A 490 16.64 12.27 18.52
N GLN A 491 15.61 12.24 19.36
CA GLN A 491 15.78 12.81 20.73
C GLN A 491 16.64 11.92 21.68
N GLU A 492 16.57 10.60 21.54
CA GLU A 492 17.48 9.65 22.21
C GLU A 492 18.94 9.96 21.93
N GLU A 493 19.26 10.33 20.69
CA GLU A 493 20.60 10.74 20.33
C GLU A 493 20.99 12.05 21.05
N TYR A 494 20.18 13.08 20.90
CA TYR A 494 20.42 14.36 21.59
C TYR A 494 20.76 14.15 23.07
N LEU A 495 19.97 13.32 23.72
CA LEU A 495 19.97 13.12 25.17
C LEU A 495 21.12 12.26 25.68
N LYS A 496 21.59 11.29 24.89
CA LYS A 496 22.76 10.48 25.21
C LYS A 496 24.00 11.32 25.07
N GLU A 497 23.96 12.26 24.15
CA GLU A 497 25.05 13.18 23.86
C GLU A 497 24.96 14.51 24.66
N LYS A 498 24.06 14.57 25.63
CA LYS A 498 23.86 15.74 26.48
C LYS A 498 24.04 17.09 25.80
N ILE A 499 23.21 17.37 24.81
CA ILE A 499 23.31 18.63 24.06
C ILE A 499 22.33 19.75 24.60
N ASN A 500 21.92 19.64 25.85
CA ASN A 500 21.00 20.59 26.51
C ASN A 500 19.53 20.61 26.01
N TRP A 501 19.04 19.45 25.66
CA TRP A 501 17.74 19.29 25.05
C TRP A 501 16.69 18.87 26.07
N THR A 502 15.56 19.54 26.03
CA THR A 502 14.38 19.09 26.76
C THR A 502 13.53 18.19 25.85
N PHE A 503 13.23 16.98 26.31
CA PHE A 503 12.48 16.02 25.53
C PHE A 503 11.10 16.59 25.23
N ILE A 504 10.64 16.41 23.99
CA ILE A 504 9.31 16.88 23.56
C ILE A 504 8.46 15.68 23.24
N ASP A 505 7.23 15.71 23.75
CA ASP A 505 6.25 14.69 23.55
C ASP A 505 5.48 15.15 22.34
N PHE A 506 5.76 14.56 21.20
CA PHE A 506 5.11 15.01 19.95
C PHE A 506 3.67 14.42 19.80
N GLY A 507 3.30 13.54 20.72
CA GLY A 507 1.95 13.00 20.85
C GLY A 507 1.52 12.03 19.76
N LEU A 508 2.49 11.43 19.10
CA LEU A 508 2.26 10.47 18.05
C LEU A 508 2.96 9.22 18.59
N ASP A 509 2.11 8.28 19.00
CA ASP A 509 2.63 7.00 19.43
C ASP A 509 1.52 6.01 19.17
N SER A 510 1.78 5.15 18.19
CA SER A 510 0.91 4.10 17.71
C SER A 510 1.06 2.82 18.59
N GLN A 511 1.81 2.88 19.68
CA GLN A 511 2.19 1.64 20.43
C GLN A 511 0.96 0.94 21.01
N ALA A 512 0.02 1.72 21.52
CA ALA A 512 -1.17 1.16 22.11
C ALA A 512 -1.97 0.34 21.06
N THR A 513 -2.13 0.90 19.88
CA THR A 513 -2.86 0.23 18.82
C THR A 513 -2.11 -1.01 18.35
N ILE A 514 -0.78 -0.89 18.25
CA ILE A 514 0.05 -2.02 17.86
C ILE A 514 -0.05 -3.18 18.86
N ASP A 515 0.00 -2.85 20.13
CA ASP A 515 -0.08 -3.86 21.20
C ASP A 515 -1.45 -4.52 21.24
N LEU A 516 -2.50 -3.75 21.02
CA LEU A 516 -3.85 -4.31 20.90
C LEU A 516 -3.93 -5.36 19.79
N ILE A 517 -3.33 -5.05 18.65
CA ILE A 517 -3.44 -5.94 17.54
C ILE A 517 -2.49 -7.14 17.68
N ASP A 518 -1.26 -6.92 18.14
CA ASP A 518 -0.24 -7.93 17.99
C ASP A 518 0.55 -8.16 19.29
N GLY A 519 -0.03 -7.83 20.42
CA GLY A 519 0.68 -8.00 21.70
C GLY A 519 0.88 -9.47 22.04
N ARG A 520 1.86 -9.76 22.87
CA ARG A 520 2.09 -11.16 23.35
C ARG A 520 1.63 -11.35 24.82
N GLN A 521 1.98 -10.43 25.72
CA GLN A 521 1.36 -10.46 27.06
C GLN A 521 0.98 -9.07 27.53
N PRO A 522 -0.29 -8.79 27.75
CA PRO A 522 -1.41 -9.69 27.45
C PRO A 522 -1.51 -9.94 25.91
N PRO A 523 -2.08 -11.07 25.51
CA PRO A 523 -2.24 -11.39 24.09
C PRO A 523 -3.09 -10.34 23.33
N GLY A 524 -2.66 -9.97 22.14
CA GLY A 524 -3.45 -9.11 21.27
C GLY A 524 -4.46 -9.86 20.42
N ILE A 525 -5.13 -9.13 19.52
CA ILE A 525 -6.11 -9.68 18.62
C ILE A 525 -5.60 -10.87 17.83
N LEU A 526 -4.43 -10.75 17.21
CA LEU A 526 -3.93 -11.79 16.35
C LEU A 526 -3.57 -13.08 17.13
N ALA A 527 -3.02 -12.93 18.30
CA ALA A 527 -2.73 -14.05 19.19
C ALA A 527 -3.98 -14.77 19.65
N LEU A 528 -5.02 -14.02 19.95
CA LEU A 528 -6.30 -14.64 20.29
C LEU A 528 -6.94 -15.29 19.10
N LEU A 529 -6.79 -14.70 17.91
CA LEU A 529 -7.27 -15.36 16.70
C LEU A 529 -6.59 -16.73 16.48
N ASP A 530 -5.27 -16.74 16.57
CA ASP A 530 -4.54 -17.98 16.38
C ASP A 530 -4.99 -19.06 17.43
N GLU A 531 -5.17 -18.66 18.67
CA GLU A 531 -5.58 -19.59 19.72
C GLU A 531 -6.94 -20.20 19.38
N GLN A 532 -7.90 -19.36 19.02
CA GLN A 532 -9.20 -19.83 18.58
C GLN A 532 -9.11 -20.71 17.35
N SER A 533 -8.08 -20.49 16.51
CA SER A 533 -7.99 -21.19 15.25
C SER A 533 -7.55 -22.66 15.38
N VAL A 534 -6.87 -23.01 16.45
CA VAL A 534 -6.55 -24.41 16.73
C VAL A 534 -7.44 -25.04 17.81
N PHE A 535 -8.51 -24.35 18.21
CA PHE A 535 -9.40 -24.82 19.27
C PHE A 535 -10.57 -25.50 18.53
N PRO A 536 -10.68 -26.83 18.68
CA PRO A 536 -11.62 -27.62 17.85
C PRO A 536 -13.06 -27.11 17.86
N ASN A 537 -13.54 -26.60 18.98
CA ASN A 537 -14.92 -26.18 19.07
C ASN A 537 -15.16 -24.66 18.66
N ALA A 538 -14.14 -23.98 18.18
CA ALA A 538 -14.24 -22.51 18.04
C ALA A 538 -15.19 -22.15 16.95
N THR A 539 -15.94 -21.06 17.08
CA THR A 539 -16.68 -20.49 15.97
C THR A 539 -16.41 -18.97 15.87
N ASP A 540 -16.91 -18.34 14.84
CA ASP A 540 -16.74 -16.88 14.72
C ASP A 540 -17.42 -16.17 15.90
N ASN A 541 -18.46 -16.78 16.43
CA ASN A 541 -19.02 -16.22 17.64
C ASN A 541 -18.22 -16.44 18.95
N THR A 542 -17.53 -17.58 19.09
CA THR A 542 -16.68 -17.71 20.27
C THR A 542 -15.48 -16.80 20.08
N LEU A 543 -15.08 -16.60 18.83
CA LEU A 543 -13.97 -15.65 18.62
C LEU A 543 -14.30 -14.22 19.06
N ILE A 544 -15.43 -13.68 18.61
CA ILE A 544 -15.73 -12.31 18.91
C ILE A 544 -15.98 -12.16 20.42
N THR A 545 -16.62 -13.16 21.02
CA THR A 545 -16.79 -13.18 22.46
C THR A 545 -15.49 -13.13 23.16
N LYS A 546 -14.50 -13.88 22.69
CA LYS A 546 -13.16 -13.83 23.30
C LYS A 546 -12.46 -12.48 23.17
N LEU A 547 -12.55 -11.86 21.99
CA LEU A 547 -11.98 -10.52 21.85
C LEU A 547 -12.70 -9.53 22.80
N HIS A 548 -14.02 -9.52 22.86
CA HIS A 548 -14.66 -8.54 23.76
C HIS A 548 -14.25 -8.81 25.22
N SER A 549 -14.13 -10.09 25.57
CA SER A 549 -13.79 -10.45 26.94
C SER A 549 -12.45 -9.90 27.30
N HIS A 550 -11.51 -9.92 26.36
CA HIS A 550 -10.18 -9.43 26.63
C HIS A 550 -10.05 -7.93 26.54
N PHE A 551 -10.79 -7.31 25.63
CA PHE A 551 -10.55 -5.87 25.34
C PHE A 551 -11.64 -4.86 25.66
N SER A 552 -12.88 -5.27 25.74
CA SER A 552 -14.00 -4.32 25.91
C SER A 552 -13.91 -3.65 27.29
N LYS A 553 -14.03 -2.32 27.31
CA LYS A 553 -13.89 -1.51 28.51
C LYS A 553 -12.57 -1.66 29.20
N LYS A 554 -11.58 -2.20 28.53
CA LYS A 554 -10.27 -2.43 29.10
C LYS A 554 -9.21 -1.73 28.21
N ASN A 555 -9.20 -2.00 26.90
CA ASN A 555 -8.21 -1.38 26.03
C ASN A 555 -8.80 -0.14 25.35
N ALA A 556 -8.11 0.99 25.53
CA ALA A 556 -8.58 2.29 25.06
C ALA A 556 -8.72 2.42 23.51
N LYS A 557 -8.07 1.56 22.76
CA LYS A 557 -8.14 1.58 21.33
C LYS A 557 -9.14 0.60 20.73
N TYR A 558 -9.84 -0.17 21.58
CA TYR A 558 -10.79 -1.17 21.17
C TYR A 558 -12.21 -0.71 21.54
N GLU A 559 -13.17 -1.07 20.70
CA GLU A 559 -14.56 -0.81 21.02
C GLU A 559 -15.41 -2.01 20.66
N GLU A 560 -16.20 -2.44 21.64
CA GLU A 560 -17.26 -3.36 21.45
C GLU A 560 -18.49 -2.50 21.11
N PRO A 561 -18.99 -2.56 19.88
CA PRO A 561 -20.10 -1.69 19.50
C PRO A 561 -21.42 -2.22 20.07
N ARG A 562 -22.38 -1.33 20.26
CA ARG A 562 -23.67 -1.74 20.78
C ARG A 562 -24.61 -2.11 19.67
N PHE A 563 -24.29 -1.73 18.43
CA PHE A 563 -25.16 -1.91 17.27
C PHE A 563 -24.94 -3.23 16.53
N SER A 564 -24.01 -4.05 16.95
CA SER A 564 -23.70 -5.30 16.29
C SER A 564 -23.07 -6.25 17.27
N LYS A 565 -23.33 -7.54 17.07
CA LYS A 565 -22.73 -8.60 17.85
C LYS A 565 -21.59 -9.32 17.08
N THR A 566 -21.29 -8.87 15.88
CA THR A 566 -20.26 -9.58 15.08
C THR A 566 -19.10 -8.65 14.64
N GLU A 567 -19.01 -7.47 15.24
CA GLU A 567 -18.00 -6.45 14.85
C GLU A 567 -17.22 -5.96 16.03
N PHE A 568 -15.99 -5.52 15.78
CA PHE A 568 -15.25 -4.82 16.79
C PHE A 568 -14.48 -3.68 16.18
N GLY A 569 -14.20 -2.67 16.98
CA GLY A 569 -13.59 -1.44 16.50
C GLY A 569 -12.15 -1.31 16.95
N VAL A 570 -11.25 -0.89 16.05
CA VAL A 570 -9.87 -0.54 16.42
C VAL A 570 -9.63 0.90 16.03
N THR A 571 -9.13 1.73 16.95
CA THR A 571 -8.74 3.09 16.65
C THR A 571 -7.30 3.08 16.16
N HIS A 572 -7.14 3.25 14.84
CA HIS A 572 -5.84 3.32 14.15
C HIS A 572 -5.43 4.76 14.15
N TYR A 573 -4.17 4.99 13.86
CA TYR A 573 -3.69 6.37 13.61
C TYR A 573 -4.58 7.14 12.62
N ALA A 574 -5.04 6.47 11.57
CA ALA A 574 -5.78 7.10 10.49
C ALA A 574 -7.29 7.12 10.73
N GLY A 575 -7.73 6.57 11.85
CA GLY A 575 -9.12 6.61 12.28
C GLY A 575 -9.64 5.28 12.75
N GLN A 576 -10.83 5.32 13.34
CA GLN A 576 -11.48 4.07 13.78
C GLN A 576 -11.96 3.23 12.59
N VAL A 577 -11.74 1.92 12.67
CA VAL A 577 -12.27 0.97 11.71
C VAL A 577 -13.07 -0.11 12.46
N MET A 578 -14.27 -0.43 11.96
CA MET A 578 -15.05 -1.54 12.48
C MET A 578 -14.86 -2.73 11.56
N TYR A 579 -14.51 -3.86 12.19
CA TYR A 579 -14.17 -5.12 11.53
C TYR A 579 -15.24 -6.16 11.83
N GLU A 580 -15.74 -6.80 10.78
CA GLU A 580 -16.78 -7.88 10.83
C GLU A 580 -15.98 -9.19 10.96
N ILE A 581 -16.37 -10.04 11.91
CA ILE A 581 -15.65 -11.27 12.25
C ILE A 581 -15.98 -12.48 11.37
N GLN A 582 -17.03 -12.37 10.57
CA GLN A 582 -17.48 -13.48 9.71
C GLN A 582 -16.33 -14.08 8.93
N ASP A 583 -16.15 -15.40 9.05
CA ASP A 583 -15.20 -16.21 8.26
C ASP A 583 -13.75 -16.00 8.73
N TRP A 584 -13.46 -15.33 9.84
CA TRP A 584 -12.05 -15.15 10.22
C TRP A 584 -11.35 -16.44 10.52
N LEU A 585 -12.01 -17.36 11.23
CA LEU A 585 -11.36 -18.64 11.56
C LEU A 585 -10.95 -19.40 10.30
N GLU A 586 -11.84 -19.45 9.33
CA GLU A 586 -11.55 -20.13 8.09
C GLU A 586 -10.53 -19.38 7.27
N LYS A 587 -10.62 -18.07 7.20
CA LYS A 587 -9.55 -17.28 6.52
C LYS A 587 -8.18 -17.47 7.16
N ASN A 588 -8.12 -17.52 8.49
CA ASN A 588 -6.87 -17.70 9.16
C ASN A 588 -6.26 -19.13 8.96
N LYS A 589 -7.12 -20.13 9.00
CA LYS A 589 -6.66 -21.52 8.86
C LYS A 589 -6.30 -21.77 7.42
N ASP A 590 -7.00 -21.08 6.51
CA ASP A 590 -6.77 -21.19 5.08
C ASP A 590 -6.64 -22.64 4.61
N PRO A 591 -7.68 -23.44 4.84
CA PRO A 591 -7.60 -24.89 4.50
C PRO A 591 -7.71 -25.18 3.00
N LEU A 592 -7.16 -26.32 2.58
CA LEU A 592 -7.38 -26.87 1.24
C LEU A 592 -7.33 -28.39 1.35
N GLN A 593 -8.35 -29.07 0.83
CA GLN A 593 -8.44 -30.51 0.99
C GLN A 593 -7.26 -31.12 0.27
N GLN A 594 -6.60 -32.05 0.96
CA GLN A 594 -5.48 -32.77 0.39
C GLN A 594 -5.84 -33.48 -0.88
N ASP A 595 -7.07 -33.96 -1.02
CA ASP A 595 -7.46 -34.68 -2.24
C ASP A 595 -7.50 -33.76 -3.47
N LEU A 596 -7.71 -32.48 -3.23
CA LEU A 596 -7.62 -31.51 -4.34
C LEU A 596 -6.16 -31.31 -4.78
N GLU A 597 -5.28 -31.28 -3.84
CA GLU A 597 -3.87 -31.22 -4.16
C GLU A 597 -3.45 -32.44 -4.91
N LEU A 598 -3.92 -33.62 -4.47
CA LEU A 598 -3.53 -34.85 -5.16
C LEU A 598 -4.02 -34.84 -6.59
N CYS A 599 -5.22 -34.31 -6.79
CA CYS A 599 -5.78 -34.18 -8.12
C CYS A 599 -4.86 -33.32 -9.01
N PHE A 600 -4.45 -32.14 -8.54
CA PHE A 600 -3.69 -31.23 -9.37
C PHE A 600 -2.19 -31.59 -9.46
N LYS A 601 -1.67 -32.34 -8.50
CA LYS A 601 -0.32 -32.88 -8.62
C LYS A 601 -0.19 -33.75 -9.86
N ASP A 602 -1.27 -34.36 -10.28
CA ASP A 602 -1.29 -35.20 -11.49
C ASP A 602 -1.55 -34.49 -12.79
N SER A 603 -1.45 -33.16 -12.79
CA SER A 603 -1.75 -32.37 -13.99
C SER A 603 -0.74 -32.65 -15.11
N SER A 604 -1.22 -32.65 -16.33
CA SER A 604 -0.35 -32.76 -17.49
C SER A 604 0.31 -31.40 -17.82
N ASP A 605 -0.07 -30.30 -17.15
CA ASP A 605 0.47 -28.99 -17.48
C ASP A 605 1.72 -28.75 -16.68
N ASN A 606 2.80 -28.29 -17.34
CA ASN A 606 4.12 -28.06 -16.70
C ASN A 606 4.10 -26.94 -15.68
N VAL A 607 3.25 -25.93 -15.83
CA VAL A 607 3.18 -24.88 -14.83
C VAL A 607 2.26 -25.36 -13.70
N VAL A 608 1.13 -25.99 -13.97
CA VAL A 608 0.25 -26.43 -12.89
C VAL A 608 0.99 -27.36 -11.97
N THR A 609 1.77 -28.28 -12.55
CA THR A 609 2.47 -29.26 -11.73
C THR A 609 3.50 -28.58 -10.81
N LYS A 610 4.14 -27.50 -11.25
CA LYS A 610 5.07 -26.77 -10.34
C LYS A 610 4.32 -26.13 -9.17
N LEU A 611 3.14 -25.60 -9.43
CA LEU A 611 2.34 -24.98 -8.38
C LEU A 611 1.97 -25.97 -7.29
N PHE A 612 1.87 -27.25 -7.64
CA PHE A 612 1.47 -28.24 -6.62
C PHE A 612 2.58 -29.16 -6.08
N ASN A 613 3.72 -29.23 -6.77
CA ASN A 613 4.84 -30.10 -6.38
C ASN A 613 6.08 -29.32 -5.90
N ASP A 614 6.25 -28.08 -6.33
CA ASP A 614 7.39 -27.28 -5.86
C ASP A 614 7.17 -26.79 -4.41
N PRO A 615 7.94 -27.31 -3.45
CA PRO A 615 7.68 -27.04 -2.03
C PRO A 615 7.75 -25.56 -1.65
N ASN A 616 8.57 -24.80 -2.35
CA ASN A 616 8.61 -23.37 -2.13
C ASN A 616 7.33 -22.68 -2.51
N ILE A 617 6.56 -23.27 -3.40
CA ILE A 617 5.26 -22.70 -3.78
C ILE A 617 4.12 -23.34 -3.04
N ALA A 618 4.18 -24.67 -2.85
CA ALA A 618 3.04 -25.50 -2.43
C ALA A 618 3.08 -25.90 -0.96
N SER A 619 4.26 -25.98 -0.34
CA SER A 619 4.34 -26.59 0.98
C SER A 619 3.99 -25.50 1.94
N ARG A 620 3.44 -25.91 3.06
CA ARG A 620 3.11 -24.99 4.10
C ARG A 620 3.75 -25.42 5.38
N ALA A 621 4.34 -24.45 6.08
CA ALA A 621 5.09 -24.71 7.30
C ALA A 621 4.13 -25.23 8.38
N LYS A 622 4.71 -25.94 9.35
CA LYS A 622 4.00 -26.38 10.56
C LYS A 622 4.47 -25.56 11.77
N LYS A 623 3.57 -25.39 12.75
CA LYS A 623 3.94 -25.07 14.15
C LYS A 623 3.22 -26.08 15.06
N GLY A 624 3.98 -27.00 15.66
CA GLY A 624 3.38 -28.13 16.35
C GLY A 624 2.53 -28.96 15.40
N ALA A 625 1.31 -29.29 15.80
CA ALA A 625 0.42 -30.16 15.02
C ALA A 625 -0.47 -29.44 14.03
N ASN A 626 -0.20 -28.15 13.78
CA ASN A 626 -1.05 -27.34 12.92
C ASN A 626 -0.19 -26.65 11.83
N PHE A 627 -0.78 -26.43 10.66
CA PHE A 627 -0.15 -25.57 9.66
C PHE A 627 -0.09 -24.15 10.20
N ILE A 628 0.93 -23.43 9.77
CA ILE A 628 1.06 -22.04 10.12
C ILE A 628 -0.19 -21.28 9.63
N THR A 629 -0.73 -20.44 10.47
CA THR A 629 -1.90 -19.67 10.11
C THR A 629 -1.53 -18.49 9.19
N VAL A 630 -2.54 -17.88 8.57
CA VAL A 630 -2.30 -16.63 7.82
C VAL A 630 -1.78 -15.53 8.73
N ALA A 631 -2.31 -15.43 9.93
CA ALA A 631 -1.82 -14.43 10.85
C ALA A 631 -0.33 -14.61 11.18
N ALA A 632 0.14 -15.85 11.33
CA ALA A 632 1.55 -16.10 11.64
C ALA A 632 2.40 -15.83 10.42
N GLN A 633 1.89 -16.17 9.24
CA GLN A 633 2.59 -15.85 8.02
C GLN A 633 2.70 -14.35 7.85
N TYR A 634 1.59 -13.63 8.05
CA TYR A 634 1.59 -12.17 8.05
C TYR A 634 2.68 -11.65 9.00
N LYS A 635 2.69 -12.13 10.23
CA LYS A 635 3.66 -11.63 11.20
C LYS A 635 5.11 -11.89 10.79
N GLU A 636 5.41 -13.05 10.24
CA GLU A 636 6.76 -13.41 9.79
C GLU A 636 7.19 -12.39 8.69
N GLN A 637 6.27 -12.09 7.77
CA GLN A 637 6.56 -11.21 6.64
C GLN A 637 6.81 -9.81 7.21
N LEU A 638 5.95 -9.34 8.11
CA LEU A 638 6.12 -8.00 8.69
C LEU A 638 7.43 -7.87 9.49
N ALA A 639 7.76 -8.90 10.28
CA ALA A 639 8.96 -8.85 11.13
C ALA A 639 10.18 -8.86 10.22
N SER A 640 10.11 -9.59 9.12
CA SER A 640 11.18 -9.65 8.11
C SER A 640 11.41 -8.26 7.47
N LEU A 641 10.34 -7.59 7.08
CA LEU A 641 10.48 -6.26 6.54
C LEU A 641 11.13 -5.33 7.57
N MET A 642 10.59 -5.28 8.76
CA MET A 642 11.06 -4.35 9.77
C MET A 642 12.55 -4.59 10.12
N ALA A 643 12.98 -5.84 10.10
CA ALA A 643 14.39 -6.20 10.32
C ALA A 643 15.26 -5.62 9.19
N THR A 644 14.81 -5.76 7.93
CA THR A 644 15.55 -5.20 6.80
C THR A 644 15.63 -3.68 6.87
N LEU A 645 14.53 -3.07 7.24
CA LEU A 645 14.51 -1.62 7.27
C LEU A 645 15.50 -1.11 8.33
N GLU A 646 15.64 -1.82 9.45
CA GLU A 646 16.49 -1.36 10.53
C GLU A 646 17.96 -1.31 10.11
N THR A 647 18.32 -2.03 9.08
CA THR A 647 19.65 -2.01 8.48
C THR A 647 19.84 -1.00 7.38
N THR A 648 18.82 -0.18 7.09
CA THR A 648 18.93 0.82 6.04
C THR A 648 18.85 2.22 6.62
N ASN A 649 19.28 3.21 5.82
CA ASN A 649 19.00 4.60 6.07
C ASN A 649 17.71 4.94 5.34
N PRO A 650 16.63 5.29 6.07
CA PRO A 650 15.33 5.52 5.43
C PRO A 650 15.11 6.92 4.95
N HIS A 651 14.37 7.04 3.85
CA HIS A 651 13.88 8.29 3.30
C HIS A 651 12.36 8.12 3.15
N PHE A 652 11.59 9.12 3.54
CA PHE A 652 10.12 9.05 3.61
C PHE A 652 9.53 9.95 2.59
N VAL A 653 8.55 9.43 1.89
CA VAL A 653 7.69 10.19 0.99
C VAL A 653 6.28 9.95 1.49
N ARG A 654 5.54 11.03 1.78
CA ARG A 654 4.19 10.93 2.31
C ARG A 654 3.24 11.28 1.18
N CYS A 655 2.61 10.25 0.58
CA CYS A 655 1.62 10.50 -0.46
C CYS A 655 0.26 10.84 0.20
N ILE A 656 -0.37 11.85 -0.37
CA ILE A 656 -1.60 12.47 0.17
C ILE A 656 -2.65 12.44 -0.92
N ILE A 657 -3.83 11.91 -0.59
CA ILE A 657 -4.90 11.83 -1.52
C ILE A 657 -5.71 13.12 -1.40
N PRO A 658 -6.04 13.77 -2.51
CA PRO A 658 -6.72 15.11 -2.44
C PRO A 658 -8.20 15.11 -2.09
N ASN A 659 -8.83 13.98 -2.42
CA ASN A 659 -10.26 13.79 -2.21
C ASN A 659 -10.58 12.29 -2.24
N ASN A 660 -11.85 11.91 -2.12
CA ASN A 660 -12.22 10.50 -2.16
C ASN A 660 -13.00 10.17 -3.41
N LYS A 661 -12.77 10.92 -4.52
CA LYS A 661 -13.46 10.74 -5.79
C LYS A 661 -12.57 10.43 -6.95
N GLN A 662 -11.27 10.33 -6.70
CA GLN A 662 -10.32 10.05 -7.75
C GLN A 662 -10.39 11.12 -8.90
N LEU A 663 -10.59 12.36 -8.50
CA LEU A 663 -10.73 13.49 -9.44
C LEU A 663 -9.57 14.50 -9.34
N PRO A 664 -9.16 15.09 -10.47
CA PRO A 664 -8.17 16.16 -10.46
C PRO A 664 -8.78 17.49 -10.07
N ALA A 665 -7.92 18.43 -9.70
CA ALA A 665 -8.33 19.82 -9.48
C ALA A 665 -9.39 19.90 -8.40
N LYS A 666 -9.30 19.06 -7.37
CA LYS A 666 -10.34 19.07 -6.37
C LYS A 666 -9.83 18.72 -4.96
N LEU A 667 -9.10 19.65 -4.38
CA LEU A 667 -8.38 19.45 -3.14
C LEU A 667 -9.34 19.70 -2.03
N GLU A 668 -9.75 18.65 -1.30
CA GLU A 668 -10.72 18.72 -0.23
C GLU A 668 -10.10 18.84 1.18
N ASP A 669 -10.55 19.90 1.87
CA ASP A 669 -9.98 20.40 3.09
C ASP A 669 -9.94 19.33 4.15
N LYS A 670 -11.11 18.79 4.45
CA LYS A 670 -11.19 17.83 5.50
C LYS A 670 -10.42 16.54 5.17
N VAL A 671 -10.48 16.11 3.92
CA VAL A 671 -9.76 14.91 3.49
C VAL A 671 -8.25 15.10 3.68
N VAL A 672 -7.70 16.22 3.22
CA VAL A 672 -6.25 16.43 3.31
C VAL A 672 -5.75 16.67 4.72
N LEU A 673 -6.46 17.48 5.50
CA LEU A 673 -6.05 17.81 6.85
C LEU A 673 -5.99 16.60 7.81
N ASP A 674 -6.93 15.69 7.64
CA ASP A 674 -6.94 14.40 8.36
C ASP A 674 -5.65 13.65 8.08
N GLN A 675 -5.24 13.63 6.82
CA GLN A 675 -3.96 13.01 6.50
C GLN A 675 -2.71 13.71 7.06
N LEU A 676 -2.66 15.04 6.92
CA LEU A 676 -1.53 15.85 7.46
C LEU A 676 -1.41 15.61 8.95
N ARG A 677 -2.56 15.48 9.62
CA ARG A 677 -2.57 15.26 11.08
C ARG A 677 -2.03 13.87 11.44
N CYS A 678 -2.66 12.81 10.91
CA CYS A 678 -2.28 11.45 11.35
C CYS A 678 -0.95 11.02 10.81
N ASN A 679 -0.48 11.64 9.72
CA ASN A 679 0.86 11.38 9.22
C ASN A 679 1.97 11.97 10.09
N GLY A 680 1.62 12.95 10.91
CA GLY A 680 2.61 13.66 11.70
C GLY A 680 3.40 14.68 10.89
N VAL A 681 2.77 15.27 9.88
CA VAL A 681 3.55 16.20 9.03
C VAL A 681 4.05 17.42 9.80
N LEU A 682 3.19 18.07 10.54
CA LEU A 682 3.52 19.32 11.23
C LEU A 682 4.58 19.04 12.35
N GLU A 683 4.38 17.92 13.08
CA GLU A 683 5.34 17.45 14.07
C GLU A 683 6.68 17.19 13.46
N GLY A 684 6.68 16.58 12.29
CA GLY A 684 7.88 16.38 11.53
C GLY A 684 8.59 17.68 11.10
N ILE A 685 7.84 18.69 10.75
CA ILE A 685 8.45 19.96 10.39
C ILE A 685 9.03 20.59 11.68
N ARG A 686 8.31 20.50 12.78
CA ARG A 686 8.77 21.12 14.01
C ARG A 686 10.05 20.50 14.55
N ILE A 687 10.22 19.17 14.49
CA ILE A 687 11.46 18.59 14.98
C ILE A 687 12.64 19.04 14.11
N THR A 688 12.39 19.21 12.82
CA THR A 688 13.42 19.70 11.90
C THR A 688 13.85 21.14 12.27
N ARG A 689 12.90 22.00 12.56
CA ARG A 689 13.17 23.37 12.97
C ARG A 689 13.76 23.57 14.37
N LYS A 690 13.28 22.79 15.34
CA LYS A 690 13.58 22.99 16.75
C LYS A 690 14.84 22.25 17.18
N GLY A 691 15.30 21.31 16.35
CA GLY A 691 16.36 20.38 16.68
C GLY A 691 17.65 20.55 15.88
N PHE A 692 18.40 19.48 15.74
CA PHE A 692 19.80 19.51 15.33
C PHE A 692 20.09 18.33 14.40
N PRO A 693 19.66 18.44 13.15
CA PRO A 693 19.79 17.32 12.19
C PRO A 693 21.17 16.69 11.95
N ASN A 694 22.27 17.44 12.12
CA ASN A 694 23.59 16.93 11.66
C ASN A 694 24.64 16.81 12.77
N ARG A 695 25.34 15.68 12.84
CA ARG A 695 26.36 15.46 13.89
C ARG A 695 27.50 14.45 13.57
N ILE A 696 28.69 14.75 14.14
CA ILE A 696 29.99 14.16 13.74
C ILE A 696 30.97 13.96 14.93
N ILE A 697 31.53 12.75 15.06
CA ILE A 697 32.54 12.49 16.08
C ILE A 697 33.70 13.53 15.91
N TYR A 698 34.14 14.14 17.02
CA TYR A 698 35.12 15.24 16.99
C TYR A 698 36.43 14.84 16.27
N PHE A 701 35.68 15.34 12.54
CA PHE A 701 35.60 16.76 12.22
C PHE A 701 36.98 17.33 11.91
N VAL A 702 37.98 16.96 12.72
CA VAL A 702 39.39 17.35 12.52
C VAL A 702 40.17 16.31 11.71
N GLN A 736 22.76 28.14 17.38
CA GLN A 736 22.69 27.53 16.05
C GLN A 736 23.73 26.42 15.85
N TYR A 737 24.31 25.94 16.96
CA TYR A 737 25.21 24.77 16.96
C TYR A 737 25.28 24.26 18.41
N ARG A 738 25.79 23.06 18.66
CA ARG A 738 25.97 22.57 20.05
C ARG A 738 27.09 21.52 20.24
N PHE A 739 27.47 21.26 21.51
CA PHE A 739 28.60 20.39 21.83
C PHE A 739 28.17 19.17 22.63
N GLY A 740 28.28 18.00 22.01
CA GLY A 740 27.92 16.76 22.64
C GLY A 740 29.10 16.05 23.34
N ILE A 741 28.79 14.99 24.07
CA ILE A 741 29.81 14.24 24.81
C ILE A 741 30.87 13.62 23.88
N THR A 742 30.51 13.37 22.62
CA THR A 742 31.42 12.80 21.60
C THR A 742 31.29 13.43 20.21
N LYS A 743 30.37 14.37 20.03
CA LYS A 743 30.03 14.90 18.70
C LYS A 743 29.63 16.36 18.74
N ILE A 744 29.91 17.07 17.66
CA ILE A 744 29.35 18.38 17.36
C ILE A 744 28.06 18.18 16.56
N PHE A 745 26.99 18.91 16.95
CA PHE A 745 25.65 18.88 16.33
C PHE A 745 25.40 20.27 15.75
N PHE A 746 24.57 20.37 14.72
CA PHE A 746 24.28 21.68 14.11
C PHE A 746 22.95 21.68 13.34
N ARG A 747 22.82 22.59 12.37
CA ARG A 747 21.60 22.66 11.53
C ARG A 747 21.88 23.07 10.07
MG MG B . -0.62 0.66 -5.01
V VO4 C . -3.34 1.16 -2.89
O1 VO4 C . -2.38 0.38 -4.01
O2 VO4 C . -5.06 1.34 -3.35
O3 VO4 C . -2.86 1.63 -1.40
O4 VO4 C . -3.74 -0.76 -2.03
MG MG D . -21.63 -2.14 9.46
PB ADP E . -1.70 3.60 -4.24
O1B ADP E . -0.64 2.70 -4.75
O2B ADP E . -1.24 4.64 -3.18
O3B ADP E . -3.05 3.05 -3.77
PA ADP E . -1.65 4.66 -6.90
O1A ADP E . -0.20 4.95 -6.95
O2A ADP E . -2.09 3.42 -7.64
O3A ADP E . -2.21 4.59 -5.42
O5' ADP E . -2.51 5.92 -7.47
C5' ADP E . -3.86 5.79 -7.78
C4' ADP E . -4.08 6.48 -9.13
O4' ADP E . -3.82 7.89 -8.91
C3' ADP E . -3.18 6.06 -10.27
O3' ADP E . -3.61 4.93 -11.01
C2' ADP E . -3.18 7.29 -11.17
O2' ADP E . -4.39 7.37 -11.90
C1' ADP E . -3.18 8.40 -10.09
N9 ADP E . -1.85 8.90 -9.77
C8 ADP E . -1.16 8.80 -8.58
N7 ADP E . 0.02 9.48 -8.65
C5 ADP E . 0.04 10.08 -9.87
C6 ADP E . 1.01 10.85 -10.50
N6 ADP E . 2.06 11.38 -9.83
N1 ADP E . 0.74 11.29 -11.77
C2 ADP E . -0.40 10.97 -12.44
N3 ADP E . -1.37 10.21 -11.85
C4 ADP E . -1.09 9.71 -10.57
O2 BIT F . 0.62 -4.93 2.03
C4 BIT F . 0.56 -6.08 2.49
C5 BIT F . 1.42 -6.63 3.48
C6 BIT F . 2.67 -6.04 3.75
C7 BIT F . 3.54 -6.65 4.63
C18 BIT F . 4.89 -6.06 4.95
C8 BIT F . 3.22 -7.89 5.27
C10 BIT F . 1.12 -7.87 4.11
C9 BIT F . 2.00 -8.51 4.99
C3 BIT F . -0.40 -7.06 1.90
C11 BIT F . -0.98 -7.96 3.00
N2 BIT F . -0.07 -8.50 3.91
O1 BIT F . 0.43 -7.83 0.91
C2 BIT F . -1.68 -6.47 1.30
C1 BIT F . -2.68 -7.61 1.48
N1 BIT F . -2.18 -8.38 2.63
C12 BIT F . -2.92 -9.51 3.09
C13 BIT F . -2.78 -9.83 4.46
C14 BIT F . -3.50 -10.89 5.03
C15 BIT F . -4.41 -11.57 4.24
C16 BIT F . -4.59 -11.24 2.88
C17 BIT F . -3.82 -10.21 2.30
C1 EDO G . -3.81 -28.83 -20.77
O1 EDO G . -4.42 -27.74 -21.42
C2 EDO G . -2.70 -28.29 -19.89
O2 EDO G . -1.58 -27.82 -20.65
#